data_9JNR
#
_entry.id   9JNR
#
_cell.length_a   52.122
_cell.length_b   101.576
_cell.length_c   131.201
_cell.angle_alpha   90.00
_cell.angle_beta   90.00
_cell.angle_gamma   90.00
#
_symmetry.space_group_name_H-M   'P 21 21 21'
#
loop_
_entity.id
_entity.type
_entity.pdbx_description
1 polymer McyI
2 non-polymer NICOTINAMIDE-ADENINE-DINUCLEOTIDE
3 non-polymer 'PHOSPHATE ION'
4 water water
#
_entity_poly.entity_id   1
_entity_poly.type   'polypeptide(L)'
_entity_poly.pdbx_seq_one_letter_code
;QKPRVLLIGKMYDEAGQKLLEESTNIEILSNPTPEEINEAIQEVSGVFVRYPNNLEASSIRLAKHLKVISTSGFGTDSID
IMAATEQGVIVVNNPGMSTTAVAEHTLSMILALAKKLPFLDHCVKKGNYLIRNQMQPIQLENKTLGIVGLGRIGTLVAHK
CNLALGMRVLAYDPYVPASKAETVGATLLKDLDVLLAESDFVSLHTELTSETREMFNISVFKKMKPTAFLINTSRGKVVC
EKDLGIALNQKLISGCALDVFEPEPPALDNPLYNFENVILSPHLAGVTPEASLAAAVSAANQILQVLRGEKPPYMINPEA
WNLFHHHHHH
;
_entity_poly.pdbx_strand_id   A,B
#
loop_
_chem_comp.id
_chem_comp.type
_chem_comp.name
_chem_comp.formula
NAD non-polymer NICOTINAMIDE-ADENINE-DINUCLEOTIDE 'C21 H27 N7 O14 P2'
PO4 non-polymer 'PHOSPHATE ION' 'O4 P -3'
#
# COMPACT_ATOMS: atom_id res chain seq x y z
N LYS A 2 25.61 -24.67 1.54
CA LYS A 2 24.88 -23.74 2.39
C LYS A 2 25.06 -22.30 1.91
N PRO A 3 23.96 -21.55 1.79
CA PRO A 3 24.06 -20.18 1.28
C PRO A 3 24.59 -19.22 2.34
N ARG A 4 25.23 -18.16 1.86
CA ARG A 4 25.74 -17.09 2.72
C ARG A 4 24.77 -15.91 2.73
N VAL A 5 24.72 -15.21 3.87
CA VAL A 5 24.04 -13.93 4.00
C VAL A 5 24.96 -12.98 4.75
N LEU A 6 25.18 -11.81 4.18
CA LEU A 6 25.93 -10.74 4.84
C LEU A 6 24.95 -9.76 5.48
N LEU A 7 25.17 -9.44 6.75
CA LEU A 7 24.36 -8.43 7.45
C LEU A 7 25.23 -7.19 7.64
N ILE A 8 25.06 -6.22 6.75
CA ILE A 8 25.67 -4.91 6.91
C ILE A 8 24.93 -4.20 8.05
N GLY A 9 25.39 -4.43 9.27
CA GLY A 9 24.65 -4.00 10.43
C GLY A 9 23.79 -5.14 10.97
N LYS A 10 23.58 -5.12 12.28
CA LYS A 10 22.80 -6.15 12.93
C LYS A 10 21.31 -5.89 12.73
N MET A 11 20.49 -6.90 12.99
CA MET A 11 19.04 -6.79 12.93
C MET A 11 18.50 -6.15 14.21
N TYR A 12 17.25 -5.70 14.15
CA TYR A 12 16.64 -5.01 15.29
C TYR A 12 16.28 -5.94 16.43
N ASP A 13 16.12 -7.24 16.16
CA ASP A 13 15.84 -8.23 17.19
C ASP A 13 16.56 -9.52 16.82
N GLU A 14 17.13 -10.19 17.81
CA GLU A 14 17.96 -11.36 17.54
C GLU A 14 17.18 -12.52 16.95
N ALA A 15 15.85 -12.54 17.11
CA ALA A 15 15.05 -13.63 16.56
C ALA A 15 15.19 -13.73 15.04
N GLY A 16 15.47 -12.61 14.38
CA GLY A 16 15.63 -12.64 12.93
C GLY A 16 16.94 -13.26 12.50
N GLN A 17 18.00 -13.02 13.25
CA GLN A 17 19.27 -13.64 12.94
C GLN A 17 19.22 -15.15 13.19
N LYS A 18 18.42 -15.58 14.17
CA LYS A 18 18.23 -17.01 14.40
C LYS A 18 17.50 -17.65 13.24
N LEU A 19 16.46 -16.99 12.72
CA LEU A 19 15.70 -17.56 11.62
C LEU A 19 16.58 -17.72 10.38
N LEU A 20 17.50 -16.77 10.15
CA LEU A 20 18.43 -16.90 9.04
C LEU A 20 19.42 -18.03 9.29
N GLU A 21 19.99 -18.08 10.50
CA GLU A 21 21.00 -19.08 10.84
C GLU A 21 20.50 -20.50 10.67
N GLU A 22 19.18 -20.71 10.71
CA GLU A 22 18.63 -22.05 10.69
C GLU A 22 18.79 -22.71 9.32
N SER A 23 18.90 -21.91 8.25
CA SER A 23 19.15 -22.45 6.91
C SER A 23 20.34 -21.84 6.19
N THR A 24 20.91 -20.73 6.67
CA THR A 24 22.02 -20.08 5.99
C THR A 24 23.19 -19.87 6.95
N ASN A 25 24.32 -19.49 6.37
CA ASN A 25 25.52 -19.10 7.09
C ASN A 25 25.66 -17.59 7.01
N ILE A 26 25.82 -16.93 8.16
CA ILE A 26 25.76 -15.48 8.20
C ILE A 26 27.05 -14.91 8.77
N GLU A 27 27.39 -13.72 8.28
CA GLU A 27 28.46 -12.88 8.83
C GLU A 27 27.87 -11.52 9.13
N ILE A 28 28.29 -10.91 10.25
CA ILE A 28 27.74 -9.63 10.67
C ILE A 28 28.86 -8.61 10.73
N LEU A 29 28.57 -7.40 10.24
CA LEU A 29 29.50 -6.28 10.23
C LEU A 29 28.88 -5.11 10.99
N SER A 30 29.72 -4.29 11.60
CA SER A 30 29.30 -3.07 12.28
C SER A 30 29.85 -1.87 11.52
N ASN A 31 28.94 -0.95 11.16
CA ASN A 31 29.17 0.25 10.36
C ASN A 31 30.38 0.09 9.44
N PRO A 32 30.34 -0.87 8.52
CA PRO A 32 31.56 -1.19 7.75
C PRO A 32 31.81 -0.19 6.63
N THR A 33 33.09 0.05 6.37
CA THR A 33 33.49 0.85 5.22
C THR A 33 33.09 0.13 3.94
N PRO A 34 32.95 0.86 2.83
CA PRO A 34 32.67 0.19 1.56
C PRO A 34 33.67 -0.91 1.22
N GLU A 35 34.94 -0.76 1.63
CA GLU A 35 35.92 -1.80 1.37
C GLU A 35 35.69 -3.02 2.25
N GLU A 36 35.28 -2.80 3.51
CA GLU A 36 34.95 -3.92 4.39
C GLU A 36 33.81 -4.75 3.82
N ILE A 37 32.76 -4.10 3.34
CA ILE A 37 31.67 -4.80 2.68
C ILE A 37 32.19 -5.52 1.44
N ASN A 38 33.04 -4.84 0.66
CA ASN A 38 33.43 -5.34 -0.65
C ASN A 38 34.12 -6.69 -0.57
N GLU A 39 35.05 -6.85 0.37
CA GLU A 39 35.67 -8.16 0.58
C GLU A 39 34.94 -8.99 1.62
N ALA A 40 33.63 -8.79 1.79
CA ALA A 40 32.78 -9.68 2.56
C ALA A 40 31.56 -10.15 1.78
N ILE A 41 31.34 -9.67 0.56
CA ILE A 41 30.07 -9.83 -0.13
C ILE A 41 30.15 -10.73 -1.36
N GLN A 42 31.35 -11.19 -1.75
CA GLN A 42 31.48 -11.79 -3.09
C GLN A 42 30.82 -13.17 -3.17
N GLU A 43 30.70 -13.89 -2.06
CA GLU A 43 30.19 -15.25 -2.10
C GLU A 43 28.78 -15.40 -1.55
N VAL A 44 28.12 -14.32 -1.15
CA VAL A 44 26.84 -14.42 -0.47
C VAL A 44 25.70 -14.46 -1.47
N SER A 45 24.55 -14.94 -1.00
CA SER A 45 23.32 -14.98 -1.80
C SER A 45 22.30 -13.95 -1.36
N GLY A 46 22.35 -13.49 -0.11
CA GLY A 46 21.45 -12.45 0.35
C GLY A 46 22.19 -11.46 1.23
N VAL A 47 21.69 -10.23 1.25
CA VAL A 47 22.29 -9.15 2.02
C VAL A 47 21.20 -8.42 2.80
N PHE A 48 21.49 -8.10 4.05
CA PHE A 48 20.62 -7.29 4.90
C PHE A 48 21.33 -5.99 5.23
N VAL A 49 20.62 -4.87 5.08
CA VAL A 49 21.18 -3.55 5.35
C VAL A 49 20.40 -2.92 6.50
N ARG A 50 21.08 -2.68 7.61
CA ARG A 50 20.51 -1.94 8.72
C ARG A 50 20.55 -0.46 8.40
N TYR A 51 19.40 0.20 8.45
CA TYR A 51 19.35 1.64 8.25
C TYR A 51 20.29 2.32 9.25
N PRO A 52 21.07 3.32 8.83
CA PRO A 52 21.12 3.95 7.52
C PRO A 52 22.33 3.53 6.66
N ASN A 53 22.81 2.30 6.81
CA ASN A 53 24.00 1.86 6.08
C ASN A 53 23.76 1.93 4.58
N ASN A 54 24.86 2.04 3.85
CA ASN A 54 24.82 2.22 2.40
C ASN A 54 25.29 0.96 1.70
N LEU A 55 24.59 0.58 0.64
CA LEU A 55 25.01 -0.50 -0.25
C LEU A 55 25.14 0.09 -1.65
N GLU A 56 26.38 0.39 -2.04
CA GLU A 56 26.68 1.11 -3.27
C GLU A 56 26.67 0.15 -4.46
N ALA A 57 26.58 0.73 -5.66
CA ALA A 57 26.50 -0.08 -6.88
C ALA A 57 27.76 -0.89 -7.12
N SER A 58 28.94 -0.28 -6.90
CA SER A 58 30.19 -0.99 -7.08
C SER A 58 30.28 -2.21 -6.16
N SER A 59 29.69 -2.13 -4.96
CA SER A 59 29.64 -3.29 -4.08
C SER A 59 28.77 -4.39 -4.65
N ILE A 60 27.56 -4.03 -5.09
CA ILE A 60 26.64 -5.02 -5.65
C ILE A 60 27.27 -5.73 -6.83
N ARG A 61 27.99 -4.98 -7.68
CA ARG A 61 28.59 -5.57 -8.87
C ARG A 61 29.64 -6.63 -8.53
N LEU A 62 30.23 -6.54 -7.34
CA LEU A 62 31.19 -7.53 -6.89
C LEU A 62 30.51 -8.84 -6.47
N ALA A 63 29.28 -8.77 -5.98
CA ALA A 63 28.56 -9.94 -5.48
C ALA A 63 27.98 -10.70 -6.67
N LYS A 64 28.59 -11.84 -7.01
CA LYS A 64 28.22 -12.55 -8.22
C LYS A 64 26.99 -13.44 -8.04
N HIS A 65 26.74 -13.90 -6.82
CA HIS A 65 25.65 -14.85 -6.55
C HIS A 65 24.50 -14.21 -5.78
N LEU A 66 24.45 -12.88 -5.75
CA LEU A 66 23.44 -12.18 -4.97
C LEU A 66 22.05 -12.41 -5.54
N LYS A 67 21.11 -12.77 -4.66
CA LYS A 67 19.71 -12.96 -5.02
C LYS A 67 18.77 -11.93 -4.41
N VAL A 68 19.07 -11.45 -3.20
CA VAL A 68 18.11 -10.62 -2.47
C VAL A 68 18.86 -9.63 -1.60
N ILE A 69 18.35 -8.40 -1.57
CA ILE A 69 18.74 -7.37 -0.62
C ILE A 69 17.52 -7.03 0.21
N SER A 70 17.69 -6.93 1.53
CA SER A 70 16.61 -6.59 2.44
C SER A 70 17.05 -5.42 3.30
N THR A 71 16.27 -4.33 3.26
CA THR A 71 16.51 -3.23 4.18
C THR A 71 15.81 -3.51 5.51
N SER A 72 16.19 -2.75 6.54
CA SER A 72 15.64 -2.98 7.87
C SER A 72 14.25 -2.38 8.05
N GLY A 73 13.86 -1.42 7.22
CA GLY A 73 12.57 -0.77 7.32
C GLY A 73 12.07 -0.38 5.95
N PHE A 74 11.26 0.68 5.90
CA PHE A 74 10.72 1.13 4.61
C PHE A 74 11.82 1.62 3.69
N GLY A 75 12.84 2.30 4.24
CA GLY A 75 13.75 3.07 3.43
C GLY A 75 14.68 2.22 2.58
N THR A 76 14.72 2.50 1.28
CA THR A 76 15.65 1.86 0.37
C THR A 76 16.55 2.87 -0.33
N ASP A 77 16.50 4.14 0.09
CA ASP A 77 17.20 5.22 -0.63
C ASP A 77 18.70 4.99 -0.66
N SER A 78 19.25 4.31 0.34
CA SER A 78 20.68 4.05 0.42
C SER A 78 21.09 2.78 -0.30
N ILE A 79 20.16 2.16 -1.03
CA ILE A 79 20.43 0.98 -1.85
C ILE A 79 20.38 1.40 -3.31
N ASP A 80 21.32 0.90 -4.11
CA ASP A 80 21.29 1.17 -5.54
C ASP A 80 20.33 0.19 -6.20
N ILE A 81 19.06 0.60 -6.31
CA ILE A 81 18.04 -0.25 -6.92
C ILE A 81 18.39 -0.57 -8.37
N MET A 82 18.88 0.42 -9.11
CA MET A 82 19.17 0.20 -10.53
C MET A 82 20.19 -0.91 -10.73
N ALA A 83 21.30 -0.85 -9.98
CA ALA A 83 22.34 -1.87 -10.10
C ALA A 83 21.80 -3.25 -9.76
N ALA A 84 20.97 -3.33 -8.72
CA ALA A 84 20.38 -4.62 -8.35
C ALA A 84 19.54 -5.19 -9.49
N THR A 85 18.67 -4.36 -10.06
CA THR A 85 17.83 -4.80 -11.17
C THR A 85 18.66 -5.26 -12.35
N GLU A 86 19.63 -4.43 -12.77
CA GLU A 86 20.53 -4.78 -13.87
C GLU A 86 21.13 -6.16 -13.69
N GLN A 87 21.29 -6.60 -12.44
CA GLN A 87 21.89 -7.87 -12.10
C GLN A 87 20.89 -8.95 -11.76
N GLY A 88 19.59 -8.64 -11.78
CA GLY A 88 18.60 -9.61 -11.36
C GLY A 88 18.54 -9.85 -9.87
N VAL A 89 18.87 -8.84 -9.07
CA VAL A 89 18.81 -8.94 -7.62
C VAL A 89 17.50 -8.34 -7.13
N ILE A 90 16.77 -9.08 -6.31
CA ILE A 90 15.50 -8.63 -5.77
C ILE A 90 15.76 -7.78 -4.54
N VAL A 91 15.21 -6.57 -4.52
CA VAL A 91 15.31 -5.68 -3.37
C VAL A 91 13.96 -5.68 -2.66
N VAL A 92 13.98 -5.94 -1.35
CA VAL A 92 12.78 -5.87 -0.54
C VAL A 92 13.00 -4.93 0.63
N ASN A 93 11.94 -4.24 1.01
CA ASN A 93 11.90 -3.47 2.23
C ASN A 93 10.96 -4.15 3.22
N ASN A 94 10.78 -3.53 4.39
CA ASN A 94 9.92 -4.07 5.44
C ASN A 94 9.11 -2.92 6.02
N PRO A 95 8.00 -2.57 5.38
CA PRO A 95 7.26 -1.36 5.75
C PRO A 95 6.19 -1.60 6.80
N GLY A 96 5.85 -0.53 7.51
CA GLY A 96 4.74 -0.55 8.44
C GLY A 96 4.91 -1.43 9.65
N MET A 97 6.15 -1.68 10.06
CA MET A 97 6.41 -2.58 11.18
C MET A 97 6.28 -1.89 12.53
N SER A 98 6.43 -0.56 12.58
CA SER A 98 6.39 0.20 13.83
C SER A 98 5.34 1.30 13.79
N THR A 99 4.23 1.06 13.09
CA THR A 99 3.20 2.08 12.96
C THR A 99 2.64 2.46 14.34
N THR A 100 2.21 1.47 15.10
CA THR A 100 1.64 1.73 16.41
C THR A 100 2.64 2.43 17.33
N ALA A 101 3.92 2.02 17.28
CA ALA A 101 4.92 2.60 18.16
C ALA A 101 5.10 4.10 17.89
N VAL A 102 5.12 4.49 16.62
CA VAL A 102 5.31 5.91 16.30
C VAL A 102 4.06 6.70 16.60
N ALA A 103 2.88 6.11 16.38
CA ALA A 103 1.64 6.78 16.76
C ALA A 103 1.62 7.08 18.25
N GLU A 104 1.99 6.09 19.07
CA GLU A 104 2.08 6.28 20.52
C GLU A 104 3.05 7.39 20.87
N HIS A 105 4.27 7.32 20.32
CA HIS A 105 5.26 8.35 20.59
C HIS A 105 4.76 9.73 20.18
N THR A 106 3.95 9.79 19.11
CA THR A 106 3.42 11.06 18.67
C THR A 106 2.39 11.58 19.67
N LEU A 107 1.53 10.70 20.18
CA LEU A 107 0.59 11.11 21.23
C LEU A 107 1.33 11.59 22.46
N SER A 108 2.39 10.88 22.85
CA SER A 108 3.17 11.28 24.01
C SER A 108 3.71 12.69 23.83
N MET A 109 4.24 12.99 22.64
CA MET A 109 4.88 14.28 22.43
C MET A 109 3.85 15.40 22.35
N ILE A 110 2.75 15.17 21.62
CA ILE A 110 1.66 16.15 21.59
C ILE A 110 1.21 16.49 23.00
N LEU A 111 0.93 15.48 23.81
CA LEU A 111 0.41 15.71 25.16
C LEU A 111 1.46 16.38 26.05
N ALA A 112 2.72 15.93 25.98
CA ALA A 112 3.76 16.50 26.81
C ALA A 112 3.97 17.97 26.52
N LEU A 113 3.82 18.38 25.26
CA LEU A 113 3.89 19.79 24.92
C LEU A 113 2.73 20.56 25.54
N ALA A 114 1.52 20.01 25.43
CA ALA A 114 0.34 20.69 25.95
C ALA A 114 0.40 20.87 27.46
N LYS A 115 1.00 19.90 28.16
CA LYS A 115 1.07 19.96 29.62
C LYS A 115 2.39 20.50 30.15
N LYS A 116 3.30 20.92 29.27
CA LYS A 116 4.62 21.44 29.69
C LYS A 116 5.32 20.46 30.63
N LEU A 117 5.26 19.17 30.27
CA LEU A 117 5.61 18.12 31.23
C LEU A 117 7.08 18.15 31.63
N PRO A 118 8.07 18.16 30.72
CA PRO A 118 9.46 18.16 31.19
C PRO A 118 9.86 19.45 31.89
N PHE A 119 9.33 20.60 31.46
CA PHE A 119 9.65 21.86 32.15
C PHE A 119 9.10 21.87 33.57
N LEU A 120 7.86 21.40 33.75
CA LEU A 120 7.27 21.37 35.09
C LEU A 120 7.98 20.37 35.98
N ASP A 121 8.43 19.24 35.42
CA ASP A 121 9.23 18.30 36.18
C ASP A 121 10.49 18.97 36.71
N HIS A 122 11.19 19.70 35.85
CA HIS A 122 12.40 20.38 36.28
C HIS A 122 12.10 21.40 37.37
N CYS A 123 10.96 22.07 37.27
CA CYS A 123 10.64 23.13 38.23
C CYS A 123 10.41 22.57 39.63
N VAL A 124 9.66 21.47 39.74
CA VAL A 124 9.39 20.87 41.04
C VAL A 124 10.69 20.35 41.66
N LYS A 125 11.52 19.70 40.84
CA LYS A 125 12.75 19.12 41.36
C LYS A 125 13.71 20.19 41.88
N LYS A 126 13.59 21.42 41.41
CA LYS A 126 14.40 22.53 41.92
C LYS A 126 13.68 23.32 43.01
N GLY A 127 12.54 22.84 43.49
CA GLY A 127 11.81 23.53 44.53
C GLY A 127 10.99 24.71 44.05
N ASN A 128 10.73 24.80 42.75
CA ASN A 128 9.96 25.90 42.18
C ASN A 128 8.52 25.46 41.92
N TYR A 129 7.94 24.82 42.92
CA TYR A 129 6.55 24.35 42.84
C TYR A 129 5.59 25.50 42.53
N LEU A 130 5.88 26.71 43.01
CA LEU A 130 4.97 27.83 42.77
C LEU A 130 5.04 28.37 41.34
N ILE A 131 5.80 27.74 40.43
CA ILE A 131 5.66 28.06 39.03
C ILE A 131 4.22 27.82 38.56
N ARG A 132 3.45 27.06 39.34
CA ARG A 132 2.05 26.81 39.03
C ARG A 132 1.25 28.11 38.96
N ASN A 133 1.65 29.13 39.72
CA ASN A 133 0.98 30.42 39.67
C ASN A 133 1.25 31.18 38.37
N GLN A 134 2.23 30.74 37.59
CA GLN A 134 2.70 31.50 36.43
C GLN A 134 2.22 30.93 35.10
N MET A 135 1.53 29.80 35.08
CA MET A 135 1.26 29.17 33.80
C MET A 135 0.07 28.24 33.93
N GLN A 136 -0.47 27.87 32.76
CA GLN A 136 -1.57 26.94 32.73
C GLN A 136 -1.39 25.98 31.56
N PRO A 137 -1.48 24.67 31.80
CA PRO A 137 -1.46 23.71 30.71
C PRO A 137 -2.61 23.95 29.73
N ILE A 138 -2.47 23.35 28.55
CA ILE A 138 -3.48 23.42 27.50
C ILE A 138 -4.35 22.17 27.57
N GLN A 139 -5.65 22.35 27.40
CA GLN A 139 -6.60 21.25 27.29
C GLN A 139 -6.77 20.91 25.81
N LEU A 140 -6.45 19.66 25.46
CA LEU A 140 -6.44 19.27 24.05
C LEU A 140 -7.83 19.23 23.45
N GLU A 141 -8.86 18.97 24.28
CA GLU A 141 -10.22 18.86 23.79
C GLU A 141 -10.66 20.13 23.07
N ASN A 142 -11.14 19.96 21.84
CA ASN A 142 -11.60 21.01 20.92
C ASN A 142 -10.47 21.83 20.31
N LYS A 143 -9.22 21.47 20.54
CA LYS A 143 -8.17 22.09 19.74
C LYS A 143 -8.13 21.42 18.38
N THR A 144 -7.42 22.04 17.44
CA THR A 144 -7.33 21.53 16.08
C THR A 144 -5.95 20.93 15.86
N LEU A 145 -5.92 19.67 15.44
CA LEU A 145 -4.68 18.99 15.08
C LEU A 145 -4.53 18.99 13.57
N GLY A 146 -3.34 19.37 13.08
CA GLY A 146 -3.07 19.35 11.67
C GLY A 146 -2.11 18.24 11.28
N ILE A 147 -2.60 17.25 10.55
CA ILE A 147 -1.79 16.12 10.12
C ILE A 147 -1.25 16.41 8.73
N VAL A 148 0.07 16.41 8.59
CA VAL A 148 0.74 16.59 7.31
C VAL A 148 1.30 15.23 6.92
N GLY A 149 0.67 14.59 5.93
CA GLY A 149 1.01 13.23 5.56
C GLY A 149 0.12 12.20 6.21
N LEU A 150 -0.90 11.74 5.49
CA LEU A 150 -1.91 10.86 6.05
C LEU A 150 -1.69 9.43 5.55
N GLY A 151 -0.59 8.85 5.99
CA GLY A 151 -0.23 7.46 5.73
C GLY A 151 -0.57 6.56 6.89
N ARG A 152 0.26 5.55 7.11
CA ARG A 152 0.01 4.60 8.19
C ARG A 152 -0.06 5.28 9.54
N ILE A 153 0.96 6.08 9.87
CA ILE A 153 1.04 6.70 11.18
C ILE A 153 0.08 7.88 11.28
N GLY A 154 0.05 8.72 10.24
CA GLY A 154 -0.86 9.85 10.26
C GLY A 154 -2.32 9.46 10.41
N THR A 155 -2.72 8.36 9.76
CA THR A 155 -4.12 7.91 9.87
C THR A 155 -4.45 7.50 11.29
N LEU A 156 -3.56 6.73 11.93
CA LEU A 156 -3.78 6.32 13.31
C LEU A 156 -3.82 7.53 14.25
N VAL A 157 -2.83 8.43 14.10
CA VAL A 157 -2.77 9.59 14.98
C VAL A 157 -4.04 10.42 14.86
N ALA A 158 -4.49 10.67 13.64
CA ALA A 158 -5.71 11.44 13.41
C ALA A 158 -6.90 10.77 14.09
N HIS A 159 -7.00 9.45 13.98
CA HIS A 159 -8.16 8.74 14.51
C HIS A 159 -8.23 8.83 16.03
N LYS A 160 -7.10 8.60 16.71
CA LYS A 160 -7.11 8.59 18.17
C LYS A 160 -7.30 9.99 18.74
N CYS A 161 -6.66 10.99 18.14
CA CYS A 161 -6.80 12.36 18.64
C CYS A 161 -8.22 12.87 18.49
N ASN A 162 -8.92 12.42 17.44
CA ASN A 162 -10.32 12.76 17.25
C ASN A 162 -11.20 11.95 18.21
N LEU A 163 -11.08 10.61 18.17
CA LEU A 163 -11.97 9.74 18.92
C LEU A 163 -11.69 9.80 20.43
N ALA A 164 -10.41 9.76 20.83
CA ALA A 164 -10.08 9.69 22.24
C ALA A 164 -9.76 11.04 22.88
N LEU A 165 -9.33 12.03 22.11
CA LEU A 165 -8.93 13.30 22.68
C LEU A 165 -9.89 14.44 22.33
N GLY A 166 -10.89 14.19 21.51
CA GLY A 166 -11.86 15.22 21.19
C GLY A 166 -11.31 16.40 20.42
N MET A 167 -10.27 16.19 19.62
CA MET A 167 -9.71 17.25 18.79
C MET A 167 -10.28 17.20 17.37
N ARG A 168 -10.50 18.38 16.80
CA ARG A 168 -10.77 18.49 15.37
C ARG A 168 -9.47 18.22 14.61
N VAL A 169 -9.54 17.37 13.60
CA VAL A 169 -8.37 16.95 12.85
C VAL A 169 -8.51 17.37 11.41
N LEU A 170 -7.53 18.12 10.91
CA LEU A 170 -7.36 18.43 9.51
C LEU A 170 -6.15 17.68 8.98
N ALA A 171 -6.11 17.47 7.67
CA ALA A 171 -4.99 16.76 7.08
C ALA A 171 -4.66 17.33 5.70
N TYR A 172 -3.38 17.27 5.37
CA TYR A 172 -2.87 17.65 4.05
C TYR A 172 -2.00 16.52 3.52
N ASP A 173 -2.32 16.05 2.33
CA ASP A 173 -1.68 14.93 1.66
C ASP A 173 -2.19 14.90 0.24
N PRO A 174 -1.39 15.33 -0.75
CA PRO A 174 -1.89 15.37 -2.13
C PRO A 174 -2.08 14.01 -2.75
N TYR A 175 -1.59 12.93 -2.13
CA TYR A 175 -1.49 11.64 -2.81
C TYR A 175 -2.36 10.57 -2.15
N VAL A 176 -3.41 10.99 -1.44
CA VAL A 176 -4.47 10.08 -0.97
C VAL A 176 -5.81 10.76 -1.18
N PRO A 177 -6.86 9.96 -1.40
CA PRO A 177 -8.18 10.53 -1.61
C PRO A 177 -8.75 11.08 -0.32
N ALA A 178 -9.71 12.01 -0.47
CA ALA A 178 -10.35 12.62 0.70
C ALA A 178 -11.09 11.60 1.54
N SER A 179 -11.62 10.54 0.92
CA SER A 179 -12.35 9.52 1.68
C SER A 179 -11.48 8.89 2.76
N LYS A 180 -10.15 8.90 2.57
CA LYS A 180 -9.28 8.30 3.58
C LYS A 180 -9.32 9.08 4.89
N ALA A 181 -9.55 10.40 4.83
CA ALA A 181 -9.65 11.19 6.05
C ALA A 181 -11.03 11.07 6.67
N GLU A 182 -12.07 11.20 5.84
CA GLU A 182 -13.46 10.91 6.17
C GLU A 182 -13.61 9.73 7.13
N THR A 183 -12.96 8.61 6.79
CA THR A 183 -13.17 7.36 7.49
C THR A 183 -12.76 7.44 8.95
N VAL A 184 -11.78 8.26 9.29
CA VAL A 184 -11.31 8.37 10.66
C VAL A 184 -11.64 9.72 11.29
N GLY A 185 -12.53 10.49 10.67
CA GLY A 185 -13.01 11.72 11.27
C GLY A 185 -12.18 12.96 10.97
N ALA A 186 -11.33 12.92 9.96
CA ALA A 186 -10.50 14.05 9.58
C ALA A 186 -11.00 14.65 8.28
N THR A 187 -10.48 15.83 7.94
CA THR A 187 -10.86 16.55 6.74
C THR A 187 -9.61 16.83 5.92
N LEU A 188 -9.51 16.22 4.74
CA LEU A 188 -8.37 16.44 3.85
C LEU A 188 -8.54 17.76 3.12
N LEU A 189 -7.59 18.67 3.29
CA LEU A 189 -7.63 20.00 2.69
C LEU A 189 -6.63 20.08 1.55
N LYS A 190 -7.04 20.73 0.45
CA LYS A 190 -6.15 20.86 -0.69
C LYS A 190 -5.05 21.90 -0.46
N ASP A 191 -5.31 22.88 0.40
CA ASP A 191 -4.41 24.03 0.60
C ASP A 191 -3.74 23.91 1.96
N LEU A 192 -2.41 23.71 1.94
CA LEU A 192 -1.66 23.57 3.19
C LEU A 192 -1.75 24.83 4.05
N ASP A 193 -1.80 26.01 3.42
CA ASP A 193 -1.89 27.26 4.17
C ASP A 193 -3.08 27.27 5.12
N VAL A 194 -4.22 26.73 4.67
CA VAL A 194 -5.40 26.69 5.54
C VAL A 194 -5.13 25.82 6.76
N LEU A 195 -4.50 24.66 6.58
CA LEU A 195 -4.15 23.82 7.71
C LEU A 195 -3.20 24.54 8.66
N LEU A 196 -2.25 25.29 8.11
CA LEU A 196 -1.30 25.99 8.96
C LEU A 196 -1.98 27.04 9.81
N ALA A 197 -2.93 27.79 9.22
CA ALA A 197 -3.59 28.88 9.95
C ALA A 197 -4.55 28.37 11.00
N GLU A 198 -5.08 27.15 10.84
CA GLU A 198 -6.14 26.65 11.72
C GLU A 198 -5.64 25.76 12.85
N SER A 199 -4.40 25.29 12.78
CA SER A 199 -3.94 24.22 13.66
C SER A 199 -3.30 24.76 14.93
N ASP A 200 -3.64 24.14 16.05
CA ASP A 200 -2.95 24.38 17.30
C ASP A 200 -1.78 23.44 17.49
N PHE A 201 -1.79 22.31 16.78
CA PHE A 201 -0.69 21.36 16.73
C PHE A 201 -0.55 20.86 15.31
N VAL A 202 0.66 20.92 14.77
CA VAL A 202 0.96 20.37 13.45
C VAL A 202 1.94 19.21 13.63
N SER A 203 1.55 18.03 13.19
CA SER A 203 2.39 16.84 13.29
C SER A 203 2.75 16.36 11.89
N LEU A 204 4.04 16.11 11.66
CA LEU A 204 4.55 15.73 10.35
C LEU A 204 4.67 14.21 10.25
N HIS A 205 4.06 13.64 9.20
CA HIS A 205 4.12 12.20 8.98
C HIS A 205 4.25 11.86 7.50
N THR A 206 4.94 12.70 6.73
CA THR A 206 5.15 12.46 5.32
C THR A 206 6.42 11.63 5.09
N GLU A 207 6.44 10.97 3.94
CA GLU A 207 7.69 10.44 3.40
C GLU A 207 8.64 11.58 3.10
N LEU A 208 9.94 11.31 3.18
CA LEU A 208 10.94 12.26 2.69
C LEU A 208 11.09 12.07 1.19
N THR A 209 10.62 13.05 0.42
CA THR A 209 10.78 13.11 -1.02
C THR A 209 11.41 14.45 -1.37
N SER A 210 11.66 14.65 -2.67
CA SER A 210 12.17 15.94 -3.12
C SER A 210 11.17 17.06 -2.83
N GLU A 211 9.87 16.74 -2.84
CA GLU A 211 8.85 17.74 -2.56
C GLU A 211 8.80 18.10 -1.08
N THR A 212 9.07 17.16 -0.19
CA THR A 212 8.95 17.41 1.25
C THR A 212 10.27 17.76 1.91
N ARG A 213 11.39 17.60 1.21
CA ARG A 213 12.67 18.07 1.72
C ARG A 213 12.60 19.54 2.06
N GLU A 214 12.91 19.87 3.33
CA GLU A 214 12.85 21.26 3.82
C GLU A 214 11.52 21.92 3.48
N MET A 215 10.45 21.12 3.48
CA MET A 215 9.11 21.66 3.28
C MET A 215 8.74 22.65 4.39
N PHE A 216 9.23 22.43 5.60
CA PHE A 216 8.87 23.27 6.74
C PHE A 216 10.01 24.24 7.00
N ASN A 217 9.94 25.39 6.33
CA ASN A 217 10.90 26.46 6.41
C ASN A 217 10.25 27.68 7.10
N ILE A 218 10.93 28.82 7.01
CA ILE A 218 10.46 30.01 7.70
C ILE A 218 9.15 30.52 7.10
N SER A 219 8.95 30.38 5.79
CA SER A 219 7.71 30.84 5.18
C SER A 219 6.52 30.03 5.66
N VAL A 220 6.77 28.82 6.17
CA VAL A 220 5.72 27.99 6.72
C VAL A 220 5.46 28.32 8.19
N PHE A 221 6.52 28.52 8.96
CA PHE A 221 6.35 28.89 10.37
C PHE A 221 5.69 30.26 10.51
N LYS A 222 5.90 31.15 9.53
CA LYS A 222 5.25 32.44 9.54
C LYS A 222 3.73 32.32 9.43
N LYS A 223 3.25 31.22 8.83
CA LYS A 223 1.81 31.02 8.65
C LYS A 223 1.18 30.25 9.79
N MET A 224 1.96 29.51 10.57
CA MET A 224 1.41 28.84 11.73
C MET A 224 1.03 29.87 12.80
N LYS A 225 0.26 29.42 13.79
CA LYS A 225 -0.12 30.29 14.89
C LYS A 225 1.09 30.55 15.79
N PRO A 226 1.22 31.76 16.34
CA PRO A 226 2.24 31.98 17.38
C PRO A 226 2.10 31.03 18.57
N THR A 227 0.89 30.51 18.81
CA THR A 227 0.63 29.60 19.92
C THR A 227 0.74 28.13 19.53
N ALA A 228 1.01 27.81 18.27
CA ALA A 228 0.97 26.43 17.81
C ALA A 228 2.30 25.72 18.09
N PHE A 229 2.24 24.39 18.09
CA PHE A 229 3.40 23.54 18.26
C PHE A 229 3.61 22.69 17.02
N LEU A 230 4.87 22.44 16.69
CA LEU A 230 5.25 21.51 15.64
C LEU A 230 5.74 20.20 16.28
N ILE A 231 5.25 19.08 15.76
CA ILE A 231 5.74 17.76 16.13
C ILE A 231 6.32 17.10 14.89
N ASN A 232 7.57 16.63 14.97
CA ASN A 232 8.18 15.94 13.84
C ASN A 232 8.76 14.61 14.28
N THR A 233 8.08 13.52 13.90
CA THR A 233 8.58 12.16 14.08
C THR A 233 8.81 11.46 12.74
N SER A 234 8.86 12.21 11.64
CA SER A 234 8.97 11.58 10.33
C SER A 234 10.43 11.47 9.89
N ARG A 235 10.93 12.49 9.18
CA ARG A 235 12.32 12.54 8.76
C ARG A 235 12.86 13.94 9.04
N GLY A 236 14.11 14.01 9.49
CA GLY A 236 14.67 15.29 9.90
C GLY A 236 14.80 16.29 8.76
N LYS A 237 15.12 15.81 7.56
CA LYS A 237 15.31 16.70 6.41
C LYS A 237 14.01 17.40 5.99
N VAL A 238 12.87 16.98 6.54
CA VAL A 238 11.60 17.65 6.26
C VAL A 238 11.58 19.05 6.86
N VAL A 239 12.41 19.31 7.88
CA VAL A 239 12.44 20.58 8.58
C VAL A 239 13.81 21.22 8.35
N CYS A 240 13.81 22.50 7.95
CA CYS A 240 15.03 23.29 7.98
C CYS A 240 15.25 23.72 9.42
N GLU A 241 16.24 23.13 10.09
CA GLU A 241 16.43 23.37 11.52
C GLU A 241 16.88 24.80 11.79
N LYS A 242 17.58 25.42 10.84
CA LYS A 242 17.94 26.83 10.99
C LYS A 242 16.71 27.70 11.10
N ASP A 243 15.72 27.45 10.22
CA ASP A 243 14.49 28.23 10.24
C ASP A 243 13.66 27.93 11.48
N LEU A 244 13.63 26.66 11.91
CA LEU A 244 12.95 26.33 13.16
C LEU A 244 13.54 27.09 14.33
N GLY A 245 14.88 27.19 14.37
CA GLY A 245 15.51 27.97 15.43
C GLY A 245 15.08 29.42 15.39
N ILE A 246 15.10 30.03 14.19
CA ILE A 246 14.67 31.41 14.04
C ILE A 246 13.20 31.57 14.43
N ALA A 247 12.37 30.59 14.07
CA ALA A 247 10.94 30.68 14.35
C ALA A 247 10.67 30.68 15.85
N LEU A 248 11.38 29.85 16.60
CA LEU A 248 11.24 29.86 18.05
C LEU A 248 11.73 31.18 18.63
N ASN A 249 12.86 31.68 18.14
CA ASN A 249 13.44 32.90 18.68
C ASN A 249 12.54 34.11 18.45
N GLN A 250 11.92 34.18 17.27
CA GLN A 250 11.00 35.27 16.96
C GLN A 250 9.58 34.99 17.46
N LYS A 251 9.39 33.91 18.20
CA LYS A 251 8.09 33.52 18.74
C LYS A 251 7.03 33.37 17.65
N LEU A 252 7.45 32.95 16.45
CA LEU A 252 6.49 32.64 15.39
C LEU A 252 5.66 31.42 15.73
N ILE A 253 6.18 30.51 16.55
CA ILE A 253 5.43 29.41 17.14
C ILE A 253 5.84 29.31 18.60
N SER A 254 5.11 28.49 19.35
CA SER A 254 5.34 28.40 20.78
C SER A 254 6.40 27.37 21.14
N GLY A 255 6.50 26.27 20.41
CA GLY A 255 7.49 25.25 20.71
C GLY A 255 7.39 24.10 19.75
N CYS A 256 8.13 23.03 20.05
CA CYS A 256 8.19 21.90 19.14
C CYS A 256 8.68 20.66 19.86
N ALA A 257 8.26 19.50 19.35
CA ALA A 257 8.75 18.21 19.79
C ALA A 257 9.33 17.48 18.58
N LEU A 258 10.59 17.06 18.68
CA LEU A 258 11.30 16.46 17.55
C LEU A 258 11.89 15.12 17.96
N ASP A 259 11.62 14.08 17.17
CA ASP A 259 12.31 12.81 17.29
C ASP A 259 13.40 12.63 16.24
N VAL A 260 13.49 13.54 15.26
CA VAL A 260 14.43 13.39 14.15
C VAL A 260 15.09 14.74 13.87
N PHE A 261 16.28 14.67 13.26
CA PHE A 261 17.16 15.83 13.16
C PHE A 261 17.88 15.85 11.82
N GLU A 262 18.23 17.06 11.38
CA GLU A 262 19.07 17.27 10.20
C GLU A 262 20.05 18.39 10.46
N PRO A 263 21.34 18.07 10.64
CA PRO A 263 21.96 16.74 10.52
C PRO A 263 21.63 15.82 11.69
N GLU A 264 21.74 14.51 11.46
CA GLU A 264 21.54 13.51 12.50
C GLU A 264 22.82 12.69 12.62
N PRO A 265 23.44 12.58 13.81
CA PRO A 265 23.01 13.09 15.12
C PRO A 265 23.13 14.61 15.23
N PRO A 266 22.36 15.23 16.12
CA PRO A 266 22.46 16.67 16.31
C PRO A 266 23.76 17.04 17.02
N ALA A 267 24.28 18.22 16.71
CA ALA A 267 25.55 18.67 17.27
C ALA A 267 25.40 19.02 18.75
N LEU A 268 26.51 19.03 19.47
CA LEU A 268 26.55 19.51 20.85
C LEU A 268 26.07 20.94 21.01
N ASP A 269 26.32 21.81 20.03
CA ASP A 269 25.93 23.22 20.17
C ASP A 269 24.65 23.57 19.40
N ASN A 270 23.73 22.63 19.28
CA ASN A 270 22.47 22.85 18.58
C ASN A 270 21.66 23.93 19.30
N PRO A 271 21.33 25.03 18.64
CA PRO A 271 20.56 26.10 19.31
C PRO A 271 19.24 25.63 19.89
N LEU A 272 18.68 24.52 19.43
CA LEU A 272 17.37 24.07 19.88
C LEU A 272 17.33 23.78 21.38
N TYR A 273 18.48 23.50 22.00
CA TYR A 273 18.49 23.13 23.42
C TYR A 273 18.17 24.29 24.33
N ASN A 274 18.43 25.53 23.89
CA ASN A 274 18.25 26.69 24.74
C ASN A 274 16.84 27.26 24.67
N PHE A 275 15.86 26.39 24.44
CA PHE A 275 14.46 26.79 24.35
C PHE A 275 13.64 25.90 25.26
N GLU A 276 12.69 26.51 25.99
CA GLU A 276 12.01 25.79 27.07
C GLU A 276 10.83 24.97 26.55
N ASN A 277 10.13 25.44 25.52
CA ASN A 277 9.01 24.68 24.96
C ASN A 277 9.46 23.70 23.88
N VAL A 278 10.70 23.22 23.99
CA VAL A 278 11.27 22.25 23.07
C VAL A 278 11.41 20.93 23.80
N ILE A 279 10.95 19.85 23.17
CA ILE A 279 11.08 18.50 23.68
C ILE A 279 11.72 17.64 22.60
N LEU A 280 12.77 16.90 22.96
CA LEU A 280 13.55 16.13 22.00
C LEU A 280 13.62 14.68 22.43
N SER A 281 13.67 13.78 21.45
CA SER A 281 13.98 12.38 21.68
C SER A 281 14.94 11.89 20.60
N PRO A 282 15.80 10.94 20.91
CA PRO A 282 16.88 10.56 19.97
C PRO A 282 16.49 9.46 18.97
N HIS A 283 15.55 9.80 18.08
CA HIS A 283 15.09 8.91 17.01
C HIS A 283 14.75 7.52 17.57
N LEU A 284 13.76 7.52 18.46
CA LEU A 284 13.32 6.32 19.15
C LEU A 284 11.83 6.06 19.00
N ALA A 285 11.12 6.83 18.17
CA ALA A 285 9.67 6.71 18.11
C ALA A 285 9.25 5.35 17.60
N GLY A 286 9.99 4.79 16.65
CA GLY A 286 9.66 3.48 16.14
C GLY A 286 10.23 2.31 16.92
N VAL A 287 10.92 2.55 18.02
CA VAL A 287 11.66 1.51 18.72
C VAL A 287 10.82 0.99 19.88
N THR A 288 10.31 -0.23 19.72
CA THR A 288 9.67 -1.00 20.77
C THR A 288 10.06 -2.44 20.56
N PRO A 289 10.13 -3.25 21.62
CA PRO A 289 10.38 -4.68 21.42
C PRO A 289 9.46 -5.32 20.40
N GLU A 290 8.17 -4.98 20.41
CA GLU A 290 7.24 -5.50 19.42
C GLU A 290 7.64 -5.09 18.01
N ALA A 291 7.91 -3.80 17.81
CA ALA A 291 8.23 -3.33 16.47
C ALA A 291 9.56 -3.91 15.97
N SER A 292 10.57 -3.94 16.84
CA SER A 292 11.84 -4.55 16.47
C SER A 292 11.65 -6.00 16.06
N LEU A 293 10.79 -6.73 16.76
CA LEU A 293 10.63 -8.15 16.51
C LEU A 293 9.91 -8.41 15.19
N ALA A 294 8.85 -7.63 14.90
CA ALA A 294 8.13 -7.82 13.65
C ALA A 294 8.98 -7.43 12.44
N ALA A 295 9.87 -6.44 12.58
CA ALA A 295 10.71 -6.04 11.46
C ALA A 295 11.79 -7.07 11.18
N ALA A 296 12.43 -7.58 12.23
CA ALA A 296 13.50 -8.56 12.03
C ALA A 296 12.97 -9.86 11.48
N VAL A 297 11.84 -10.35 12.02
CA VAL A 297 11.23 -11.57 11.51
C VAL A 297 10.82 -11.40 10.05
N SER A 298 10.21 -10.26 9.72
CA SER A 298 9.78 -10.03 8.35
C SER A 298 10.96 -9.94 7.39
N ALA A 299 12.04 -9.25 7.82
CA ALA A 299 13.23 -9.15 6.99
C ALA A 299 13.84 -10.53 6.73
N ALA A 300 14.00 -11.33 7.78
CA ALA A 300 14.55 -12.68 7.61
C ALA A 300 13.66 -13.52 6.71
N ASN A 301 12.34 -13.44 6.89
CA ASN A 301 11.44 -14.29 6.14
C ASN A 301 11.46 -13.96 4.65
N GLN A 302 11.70 -12.70 4.29
CA GLN A 302 11.73 -12.36 2.87
C GLN A 302 13.01 -12.84 2.22
N ILE A 303 14.15 -12.71 2.92
CA ILE A 303 15.40 -13.27 2.44
C ILE A 303 15.26 -14.76 2.19
N LEU A 304 14.59 -15.46 3.11
CA LEU A 304 14.45 -16.91 2.98
C LEU A 304 13.55 -17.29 1.81
N GLN A 305 12.54 -16.46 1.51
CA GLN A 305 11.65 -16.76 0.38
C GLN A 305 12.41 -16.70 -0.93
N VAL A 306 13.16 -15.62 -1.16
CA VAL A 306 13.85 -15.43 -2.44
C VAL A 306 14.88 -16.53 -2.66
N LEU A 307 15.59 -16.93 -1.60
CA LEU A 307 16.56 -18.01 -1.74
C LEU A 307 15.88 -19.31 -2.14
N ARG A 308 14.58 -19.45 -1.85
CA ARG A 308 13.80 -20.62 -2.25
C ARG A 308 13.15 -20.46 -3.61
N GLY A 309 13.02 -19.25 -4.12
CA GLY A 309 12.38 -18.99 -5.39
C GLY A 309 10.99 -18.41 -5.32
N GLU A 310 10.48 -18.12 -4.12
CA GLU A 310 9.12 -17.59 -3.96
C GLU A 310 9.13 -16.07 -3.89
N LYS A 311 8.17 -15.46 -4.58
CA LYS A 311 8.03 -14.02 -4.58
C LYS A 311 7.78 -13.50 -3.16
N PRO A 312 8.62 -12.61 -2.65
CA PRO A 312 8.35 -12.01 -1.35
C PRO A 312 7.29 -10.92 -1.48
N PRO A 313 6.60 -10.57 -0.39
CA PRO A 313 5.46 -9.65 -0.50
C PRO A 313 5.83 -8.17 -0.68
N TYR A 314 7.10 -7.78 -0.49
CA TYR A 314 7.47 -6.37 -0.49
C TYR A 314 8.60 -6.11 -1.48
N MET A 315 8.41 -6.54 -2.72
CA MET A 315 9.38 -6.32 -3.77
C MET A 315 9.43 -4.85 -4.16
N ILE A 316 10.59 -4.20 -3.98
CA ILE A 316 10.75 -2.82 -4.43
C ILE A 316 10.90 -2.76 -5.94
N ASN A 317 11.58 -3.75 -6.54
CA ASN A 317 11.85 -3.79 -7.97
C ASN A 317 11.32 -5.09 -8.58
N PRO A 318 9.99 -5.25 -8.68
CA PRO A 318 9.44 -6.46 -9.30
C PRO A 318 9.80 -6.61 -10.77
N GLU A 319 10.27 -5.54 -11.41
CA GLU A 319 10.68 -5.62 -12.81
C GLU A 319 11.93 -6.45 -13.00
N ALA A 320 12.67 -6.72 -11.92
CA ALA A 320 13.87 -7.55 -11.98
C ALA A 320 13.57 -9.03 -11.92
N TRP A 321 12.30 -9.43 -11.78
CA TRP A 321 11.99 -10.82 -11.48
C TRP A 321 12.32 -11.75 -12.65
N ASN A 322 12.01 -11.33 -13.88
CA ASN A 322 12.23 -12.21 -15.02
C ASN A 322 13.72 -12.50 -15.20
N LEU A 323 14.57 -11.49 -14.98
CA LEU A 323 16.01 -11.71 -15.10
C LEU A 323 16.54 -12.53 -13.93
N PHE A 324 15.96 -12.34 -12.74
CA PHE A 324 16.27 -13.20 -11.61
C PHE A 324 15.95 -14.65 -11.93
N HIS A 325 14.81 -14.89 -12.57
CA HIS A 325 14.48 -16.24 -13.04
C HIS A 325 15.54 -16.76 -14.00
N HIS A 326 15.96 -15.91 -14.94
CA HIS A 326 16.94 -16.32 -15.93
C HIS A 326 18.24 -16.77 -15.27
N HIS A 327 18.64 -16.11 -14.18
CA HIS A 327 19.94 -16.35 -13.58
C HIS A 327 19.94 -17.61 -12.71
N HIS A 328 18.92 -17.76 -11.85
CA HIS A 328 18.99 -18.72 -10.76
C HIS A 328 18.00 -19.87 -10.88
N HIS A 329 17.03 -19.79 -11.79
CA HIS A 329 16.12 -20.91 -12.00
C HIS A 329 16.15 -21.29 -13.48
N HIS A 330 15.02 -21.74 -14.02
CA HIS A 330 14.96 -22.22 -15.41
C HIS A 330 15.96 -23.36 -15.65
N GLN B 1 -13.82 -24.60 23.25
CA GLN B 1 -14.12 -25.27 21.99
C GLN B 1 -13.48 -24.55 20.80
N LYS B 2 -13.16 -25.33 19.76
CA LYS B 2 -12.50 -24.77 18.59
C LYS B 2 -13.35 -23.66 17.97
N PRO B 3 -12.73 -22.60 17.46
CA PRO B 3 -13.50 -21.53 16.82
C PRO B 3 -14.11 -22.00 15.51
N ARG B 4 -15.18 -21.34 15.11
CA ARG B 4 -15.86 -21.63 13.85
C ARG B 4 -15.52 -20.56 12.81
N VAL B 5 -15.30 -21.00 11.58
CA VAL B 5 -15.07 -20.12 10.45
C VAL B 5 -16.10 -20.42 9.38
N LEU B 6 -16.63 -19.37 8.76
CA LEU B 6 -17.60 -19.50 7.69
C LEU B 6 -16.96 -19.11 6.36
N LEU B 7 -17.05 -19.99 5.38
CA LEU B 7 -16.53 -19.74 4.04
C LEU B 7 -17.72 -19.46 3.13
N ILE B 8 -17.99 -18.17 2.90
CA ILE B 8 -19.02 -17.74 1.95
C ILE B 8 -18.46 -17.91 0.55
N GLY B 9 -18.48 -19.15 0.05
CA GLY B 9 -17.78 -19.48 -1.18
C GLY B 9 -16.44 -20.12 -0.87
N LYS B 10 -16.08 -21.14 -1.63
CA LYS B 10 -14.82 -21.83 -1.41
C LYS B 10 -13.65 -20.89 -1.71
N MET B 11 -12.49 -21.23 -1.16
CA MET B 11 -11.28 -20.60 -1.65
C MET B 11 -10.94 -21.17 -3.03
N TYR B 12 -10.01 -20.51 -3.72
CA TYR B 12 -9.65 -20.95 -5.06
C TYR B 12 -8.69 -22.12 -5.05
N ASP B 13 -8.08 -22.41 -3.90
CA ASP B 13 -7.24 -23.57 -3.67
C ASP B 13 -7.56 -24.07 -2.28
N GLU B 14 -7.66 -25.39 -2.11
CA GLU B 14 -8.08 -25.90 -0.81
C GLU B 14 -6.91 -26.13 0.15
N ALA B 15 -5.70 -25.71 -0.23
CA ALA B 15 -4.64 -25.58 0.76
C ALA B 15 -5.01 -24.58 1.84
N GLY B 16 -5.84 -23.59 1.50
CA GLY B 16 -6.29 -22.64 2.51
C GLY B 16 -7.28 -23.25 3.49
N GLN B 17 -8.21 -24.06 2.99
CA GLN B 17 -9.16 -24.73 3.88
C GLN B 17 -8.45 -25.71 4.80
N LYS B 18 -7.47 -26.44 4.26
CA LYS B 18 -6.68 -27.36 5.09
C LYS B 18 -6.02 -26.63 6.25
N LEU B 19 -5.45 -25.46 5.99
CA LEU B 19 -4.83 -24.68 7.05
C LEU B 19 -5.84 -24.27 8.10
N LEU B 20 -7.01 -23.81 7.66
CA LEU B 20 -8.06 -23.42 8.60
C LEU B 20 -8.48 -24.60 9.47
N GLU B 21 -8.54 -25.80 8.88
CA GLU B 21 -9.04 -26.95 9.62
C GLU B 21 -8.04 -27.46 10.65
N GLU B 22 -6.78 -26.99 10.61
CA GLU B 22 -5.83 -27.39 11.63
C GLU B 22 -6.24 -26.89 13.02
N SER B 23 -6.94 -25.76 13.07
CA SER B 23 -7.29 -25.15 14.36
C SER B 23 -8.72 -24.67 14.45
N THR B 24 -9.52 -24.76 13.39
CA THR B 24 -10.90 -24.31 13.43
C THR B 24 -11.80 -25.34 12.77
N ASN B 25 -13.10 -25.19 13.03
CA ASN B 25 -14.14 -25.93 12.33
C ASN B 25 -14.78 -25.00 11.30
N ILE B 26 -14.82 -25.44 10.06
CA ILE B 26 -15.30 -24.61 8.97
C ILE B 26 -16.60 -25.15 8.42
N GLU B 27 -17.41 -24.24 7.88
CA GLU B 27 -18.58 -24.56 7.09
C GLU B 27 -18.48 -23.78 5.78
N ILE B 28 -18.78 -24.45 4.67
CA ILE B 28 -18.66 -23.86 3.34
C ILE B 28 -20.06 -23.68 2.78
N LEU B 29 -20.35 -22.47 2.29
CA LEU B 29 -21.57 -22.16 1.57
C LEU B 29 -21.26 -21.93 0.10
N SER B 30 -22.23 -22.25 -0.75
CA SER B 30 -22.08 -22.13 -2.21
C SER B 30 -23.14 -21.17 -2.73
N ASN B 31 -22.69 -20.01 -3.20
CA ASN B 31 -23.53 -18.89 -3.64
C ASN B 31 -24.77 -18.76 -2.74
N PRO B 32 -24.60 -18.49 -1.45
CA PRO B 32 -25.75 -18.47 -0.56
C PRO B 32 -26.54 -17.18 -0.63
N THR B 33 -27.84 -17.31 -0.41
CA THR B 33 -28.71 -16.17 -0.25
C THR B 33 -28.38 -15.47 1.07
N PRO B 34 -28.84 -14.24 1.28
CA PRO B 34 -28.58 -13.57 2.56
C PRO B 34 -29.09 -14.34 3.78
N GLU B 35 -30.17 -15.11 3.65
CA GLU B 35 -30.68 -15.82 4.81
C GLU B 35 -29.76 -16.98 5.20
N GLU B 36 -29.22 -17.69 4.21
CA GLU B 36 -28.29 -18.78 4.51
C GLU B 36 -27.07 -18.28 5.26
N ILE B 37 -26.58 -17.09 4.89
CA ILE B 37 -25.47 -16.50 5.62
C ILE B 37 -25.88 -16.18 7.06
N ASN B 38 -27.09 -15.64 7.23
CA ASN B 38 -27.55 -15.26 8.56
C ASN B 38 -27.69 -16.47 9.48
N GLU B 39 -28.07 -17.62 8.92
CA GLU B 39 -28.18 -18.83 9.73
C GLU B 39 -26.80 -19.31 10.19
N ALA B 40 -25.80 -19.22 9.31
CA ALA B 40 -24.51 -19.86 9.52
C ALA B 40 -23.46 -18.94 10.13
N ILE B 41 -23.76 -17.65 10.30
CA ILE B 41 -22.75 -16.69 10.75
C ILE B 41 -22.84 -16.41 12.25
N GLN B 42 -23.88 -16.90 12.93
CA GLN B 42 -24.21 -16.42 14.27
C GLN B 42 -23.12 -16.72 15.29
N GLU B 43 -22.40 -17.83 15.15
CA GLU B 43 -21.40 -18.24 16.14
C GLU B 43 -20.00 -18.34 15.58
N VAL B 44 -19.73 -17.84 14.38
CA VAL B 44 -18.40 -17.97 13.80
C VAL B 44 -17.50 -16.85 14.33
N SER B 45 -16.21 -17.14 14.39
CA SER B 45 -15.20 -16.13 14.73
C SER B 45 -14.54 -15.54 13.49
N GLY B 46 -14.54 -16.26 12.38
CA GLY B 46 -13.92 -15.76 11.17
C GLY B 46 -14.81 -16.03 9.96
N VAL B 47 -14.73 -15.13 9.00
CA VAL B 47 -15.49 -15.22 7.76
C VAL B 47 -14.54 -15.01 6.59
N PHE B 48 -14.66 -15.86 5.57
CA PHE B 48 -14.00 -15.72 4.29
C PHE B 48 -15.05 -15.44 3.22
N VAL B 49 -14.77 -14.47 2.35
CA VAL B 49 -15.75 -14.01 1.36
C VAL B 49 -15.14 -14.17 -0.03
N ARG B 50 -15.61 -15.18 -0.75
CA ARG B 50 -15.24 -15.38 -2.15
C ARG B 50 -15.97 -14.37 -3.03
N TYR B 51 -15.21 -13.46 -3.64
CA TYR B 51 -15.78 -12.53 -4.60
C TYR B 51 -16.46 -13.29 -5.73
N PRO B 52 -17.60 -12.82 -6.24
CA PRO B 52 -18.32 -11.58 -5.90
C PRO B 52 -19.43 -11.74 -4.86
N ASN B 53 -19.35 -12.72 -3.97
CA ASN B 53 -20.39 -12.85 -2.92
C ASN B 53 -20.38 -11.62 -2.01
N ASN B 54 -21.54 -11.27 -1.48
CA ASN B 54 -21.66 -10.06 -0.66
C ASN B 54 -21.93 -10.41 0.78
N LEU B 55 -21.40 -9.59 1.68
CA LEU B 55 -21.59 -9.68 3.13
C LEU B 55 -22.07 -8.29 3.55
N GLU B 56 -23.37 -8.17 3.77
CA GLU B 56 -24.01 -6.91 4.11
C GLU B 56 -23.88 -6.61 5.61
N ALA B 57 -24.26 -5.38 5.96
CA ALA B 57 -24.16 -4.93 7.35
C ALA B 57 -25.06 -5.76 8.26
N SER B 58 -26.28 -6.07 7.80
CA SER B 58 -27.22 -6.84 8.63
C SER B 58 -26.66 -8.20 9.01
N SER B 59 -25.87 -8.82 8.11
CA SER B 59 -25.27 -10.11 8.43
C SER B 59 -24.16 -9.95 9.45
N ILE B 60 -23.31 -8.94 9.27
CA ILE B 60 -22.23 -8.70 10.22
C ILE B 60 -22.79 -8.46 11.61
N ARG B 61 -23.95 -7.79 11.69
CA ARG B 61 -24.54 -7.45 12.98
C ARG B 61 -25.04 -8.68 13.73
N LEU B 62 -25.46 -9.72 13.02
CA LEU B 62 -25.90 -10.94 13.69
C LEU B 62 -24.73 -11.75 14.23
N ALA B 63 -23.51 -11.49 13.75
CA ALA B 63 -22.33 -12.28 14.12
C ALA B 63 -21.73 -11.69 15.40
N LYS B 64 -22.15 -12.23 16.54
CA LYS B 64 -21.77 -11.67 17.84
C LYS B 64 -20.35 -12.05 18.26
N HIS B 65 -19.76 -13.06 17.65
CA HIS B 65 -18.41 -13.50 18.00
C HIS B 65 -17.42 -13.31 16.86
N LEU B 66 -17.80 -12.56 15.83
CA LEU B 66 -16.91 -12.35 14.69
C LEU B 66 -15.72 -11.51 15.10
N LYS B 67 -14.55 -11.92 14.63
CA LYS B 67 -13.29 -11.22 14.86
C LYS B 67 -12.65 -10.71 13.58
N VAL B 68 -12.77 -11.45 12.48
CA VAL B 68 -12.06 -11.13 11.25
C VAL B 68 -12.92 -11.50 10.05
N ILE B 69 -12.88 -10.65 9.03
CA ILE B 69 -13.37 -10.95 7.69
C ILE B 69 -12.19 -10.90 6.75
N SER B 70 -12.05 -11.93 5.91
CA SER B 70 -11.03 -11.97 4.88
C SER B 70 -11.70 -12.02 3.51
N THR B 71 -11.24 -11.17 2.59
CA THR B 71 -11.69 -11.24 1.21
C THR B 71 -10.85 -12.26 0.44
N SER B 72 -11.33 -12.59 -0.76
CA SER B 72 -10.60 -13.55 -1.60
C SER B 72 -9.38 -12.94 -2.27
N GLY B 73 -9.44 -11.66 -2.63
CA GLY B 73 -8.30 -11.00 -3.26
C GLY B 73 -8.07 -9.59 -2.75
N PHE B 74 -7.78 -8.65 -3.65
CA PHE B 74 -7.55 -7.27 -3.24
C PHE B 74 -8.86 -6.55 -2.92
N GLY B 75 -9.83 -6.66 -3.82
CA GLY B 75 -11.02 -5.82 -3.72
C GLY B 75 -11.84 -6.12 -2.48
N THR B 76 -12.40 -5.06 -1.91
CA THR B 76 -13.20 -5.15 -0.69
C THR B 76 -14.62 -4.61 -0.90
N ASP B 77 -15.02 -4.33 -2.14
CA ASP B 77 -16.32 -3.72 -2.43
C ASP B 77 -17.50 -4.63 -2.10
N SER B 78 -17.28 -5.90 -1.77
CA SER B 78 -18.36 -6.77 -1.35
C SER B 78 -18.48 -6.88 0.16
N ILE B 79 -17.60 -6.22 0.91
CA ILE B 79 -17.65 -6.16 2.37
C ILE B 79 -18.22 -4.80 2.78
N ASP B 80 -19.06 -4.79 3.81
CA ASP B 80 -19.47 -3.52 4.43
C ASP B 80 -18.43 -3.22 5.50
N ILE B 81 -17.48 -2.35 5.17
CA ILE B 81 -16.35 -2.11 6.06
C ILE B 81 -16.78 -1.28 7.26
N MET B 82 -17.61 -0.25 7.03
CA MET B 82 -18.10 0.56 8.13
C MET B 82 -18.76 -0.30 9.21
N ALA B 83 -19.56 -1.28 8.78
CA ALA B 83 -20.24 -2.13 9.74
C ALA B 83 -19.26 -2.94 10.56
N ALA B 84 -18.24 -3.53 9.91
CA ALA B 84 -17.24 -4.31 10.63
C ALA B 84 -16.49 -3.43 11.63
N THR B 85 -16.04 -2.26 11.18
CA THR B 85 -15.33 -1.35 12.07
C THR B 85 -16.18 -0.95 13.28
N GLU B 86 -17.47 -0.67 13.05
CA GLU B 86 -18.37 -0.32 14.16
C GLU B 86 -18.43 -1.43 15.19
N GLN B 87 -18.27 -2.67 14.76
CA GLN B 87 -18.37 -3.83 15.64
C GLN B 87 -17.02 -4.29 16.18
N GLY B 88 -15.92 -3.68 15.76
CA GLY B 88 -14.62 -4.14 16.17
C GLY B 88 -14.16 -5.39 15.45
N VAL B 89 -14.59 -5.58 14.21
CA VAL B 89 -14.23 -6.75 13.42
C VAL B 89 -13.15 -6.33 12.42
N ILE B 90 -12.05 -7.07 12.41
CA ILE B 90 -10.92 -6.75 11.55
C ILE B 90 -11.22 -7.24 10.15
N VAL B 91 -10.95 -6.40 9.15
CA VAL B 91 -11.09 -6.75 7.74
C VAL B 91 -9.71 -6.79 7.11
N VAL B 92 -9.38 -7.91 6.46
CA VAL B 92 -8.14 -8.04 5.74
C VAL B 92 -8.45 -8.42 4.30
N ASN B 93 -7.65 -7.92 3.39
CA ASN B 93 -7.63 -8.38 2.01
C ASN B 93 -6.36 -9.17 1.77
N ASN B 94 -6.17 -9.60 0.53
CA ASN B 94 -5.00 -10.40 0.14
C ASN B 94 -4.49 -9.83 -1.17
N PRO B 95 -3.69 -8.78 -1.11
CA PRO B 95 -3.29 -8.04 -2.32
C PRO B 95 -2.03 -8.58 -2.96
N GLY B 96 -1.92 -8.35 -4.26
CA GLY B 96 -0.69 -8.65 -4.97
C GLY B 96 -0.34 -10.11 -5.12
N MET B 97 -1.34 -11.01 -5.01
CA MET B 97 -1.12 -12.44 -5.16
C MET B 97 -1.27 -12.91 -6.60
N SER B 98 -1.88 -12.10 -7.46
CA SER B 98 -2.17 -12.49 -8.84
C SER B 98 -1.57 -11.52 -9.83
N THR B 99 -0.54 -10.78 -9.42
CA THR B 99 -0.05 -9.66 -10.22
C THR B 99 0.41 -10.13 -11.59
N THR B 100 1.27 -11.16 -11.63
CA THR B 100 1.72 -11.69 -12.91
C THR B 100 0.56 -12.22 -13.73
N ALA B 101 -0.38 -12.90 -13.08
CA ALA B 101 -1.48 -13.54 -13.81
C ALA B 101 -2.35 -12.53 -14.52
N VAL B 102 -2.69 -11.42 -13.85
CA VAL B 102 -3.57 -10.43 -14.47
C VAL B 102 -2.83 -9.70 -15.59
N ALA B 103 -1.54 -9.43 -15.41
CA ALA B 103 -0.79 -8.78 -16.48
C ALA B 103 -0.72 -9.66 -17.72
N GLU B 104 -0.52 -10.97 -17.53
CA GLU B 104 -0.57 -11.91 -18.65
C GLU B 104 -1.94 -11.88 -19.33
N HIS B 105 -3.00 -12.02 -18.53
CA HIS B 105 -4.36 -12.04 -19.07
C HIS B 105 -4.68 -10.74 -19.81
N THR B 106 -4.20 -9.61 -19.29
CA THR B 106 -4.44 -8.33 -19.94
C THR B 106 -3.70 -8.24 -21.27
N LEU B 107 -2.44 -8.70 -21.29
CA LEU B 107 -1.71 -8.78 -22.55
C LEU B 107 -2.42 -9.68 -23.54
N SER B 108 -2.90 -10.84 -23.09
CA SER B 108 -3.63 -11.75 -23.96
C SER B 108 -4.87 -11.06 -24.56
N MET B 109 -5.59 -10.30 -23.74
CA MET B 109 -6.78 -9.61 -24.20
C MET B 109 -6.43 -8.49 -25.16
N ILE B 110 -5.37 -7.75 -24.86
CA ILE B 110 -4.92 -6.69 -25.76
C ILE B 110 -4.56 -7.28 -27.13
N LEU B 111 -3.86 -8.42 -27.13
CA LEU B 111 -3.45 -9.03 -28.38
C LEU B 111 -4.64 -9.63 -29.13
N ALA B 112 -5.57 -10.23 -28.39
CA ALA B 112 -6.71 -10.89 -29.03
C ALA B 112 -7.61 -9.88 -29.75
N LEU B 113 -7.80 -8.70 -29.17
CA LEU B 113 -8.54 -7.64 -29.87
C LEU B 113 -7.81 -7.20 -31.13
N ALA B 114 -6.49 -7.01 -31.05
CA ALA B 114 -5.74 -6.50 -32.19
C ALA B 114 -5.78 -7.49 -33.36
N LYS B 115 -5.78 -8.78 -33.08
CA LYS B 115 -5.78 -9.81 -34.11
C LYS B 115 -7.15 -10.41 -34.35
N LYS B 116 -8.21 -9.86 -33.72
CA LYS B 116 -9.58 -10.37 -33.89
C LYS B 116 -9.63 -11.87 -33.67
N LEU B 117 -8.88 -12.35 -32.67
CA LEU B 117 -8.64 -13.79 -32.54
C LEU B 117 -9.91 -14.60 -32.33
N PRO B 118 -10.79 -14.29 -31.36
CA PRO B 118 -12.00 -15.13 -31.23
C PRO B 118 -12.93 -15.03 -32.43
N PHE B 119 -13.11 -13.82 -32.98
CA PHE B 119 -13.94 -13.67 -34.16
C PHE B 119 -13.40 -14.50 -35.32
N LEU B 120 -12.08 -14.47 -35.53
CA LEU B 120 -11.50 -15.19 -36.66
C LEU B 120 -11.57 -16.70 -36.43
N ASP B 121 -11.37 -17.14 -35.18
CA ASP B 121 -11.51 -18.57 -34.88
C ASP B 121 -12.92 -19.05 -35.18
N HIS B 122 -13.93 -18.25 -34.87
CA HIS B 122 -15.31 -18.63 -35.17
C HIS B 122 -15.58 -18.65 -36.67
N CYS B 123 -14.92 -17.77 -37.43
CA CYS B 123 -15.15 -17.73 -38.87
C CYS B 123 -14.59 -18.96 -39.57
N VAL B 124 -13.38 -19.38 -39.20
CA VAL B 124 -12.77 -20.55 -39.85
C VAL B 124 -13.57 -21.81 -39.53
N LYS B 125 -14.02 -21.95 -38.28
CA LYS B 125 -14.74 -23.14 -37.85
C LYS B 125 -16.11 -23.27 -38.51
N LYS B 126 -16.71 -22.16 -38.93
CA LYS B 126 -18.00 -22.17 -39.61
C LYS B 126 -17.84 -22.30 -41.13
N GLY B 127 -16.61 -22.24 -41.64
CA GLY B 127 -16.35 -22.41 -43.06
C GLY B 127 -16.00 -21.15 -43.81
N ASN B 128 -16.02 -19.99 -43.15
CA ASN B 128 -15.71 -18.72 -43.79
C ASN B 128 -14.23 -18.39 -43.67
N TYR B 129 -13.40 -19.31 -44.19
CA TYR B 129 -11.97 -19.07 -44.24
C TYR B 129 -11.63 -17.83 -45.05
N LEU B 130 -12.46 -17.51 -46.04
CA LEU B 130 -12.17 -16.46 -47.00
C LEU B 130 -12.55 -15.07 -46.50
N ILE B 131 -13.04 -14.95 -45.27
CA ILE B 131 -13.10 -13.66 -44.58
C ILE B 131 -11.71 -13.02 -44.48
N ARG B 132 -10.65 -13.82 -44.66
CA ARG B 132 -9.29 -13.32 -44.62
C ARG B 132 -9.05 -12.23 -45.68
N ASN B 133 -9.80 -12.28 -46.79
CA ASN B 133 -9.57 -11.33 -47.88
C ASN B 133 -9.89 -9.90 -47.47
N GLN B 134 -10.81 -9.72 -46.52
CA GLN B 134 -11.22 -8.39 -46.06
C GLN B 134 -10.70 -8.07 -44.66
N MET B 135 -9.81 -8.90 -44.11
CA MET B 135 -9.33 -8.67 -42.76
C MET B 135 -7.99 -7.95 -42.76
N GLN B 136 -7.80 -7.11 -41.75
CA GLN B 136 -6.60 -6.29 -41.63
C GLN B 136 -6.20 -6.22 -40.17
N PRO B 137 -5.41 -7.18 -39.69
CA PRO B 137 -4.98 -7.17 -38.29
C PRO B 137 -4.16 -5.93 -37.95
N ILE B 138 -4.14 -5.59 -36.66
CA ILE B 138 -3.38 -4.46 -36.15
C ILE B 138 -2.00 -4.95 -35.70
N GLN B 139 -0.96 -4.23 -36.12
CA GLN B 139 0.39 -4.45 -35.60
C GLN B 139 0.59 -3.58 -34.35
N LEU B 140 0.87 -4.22 -33.22
CA LEU B 140 0.89 -3.51 -31.95
C LEU B 140 2.14 -2.66 -31.78
N GLU B 141 3.23 -2.98 -32.49
CA GLU B 141 4.45 -2.21 -32.40
C GLU B 141 4.18 -0.72 -32.62
N ASN B 142 4.57 0.10 -31.65
CA ASN B 142 4.49 1.56 -31.69
C ASN B 142 3.08 2.10 -31.55
N LYS B 143 2.06 1.25 -31.36
CA LYS B 143 0.77 1.75 -30.92
C LYS B 143 0.89 2.21 -29.47
N THR B 144 -0.14 2.91 -28.99
CA THR B 144 -0.11 3.49 -27.67
C THR B 144 -1.10 2.80 -26.75
N LEU B 145 -0.64 2.39 -25.58
CA LEU B 145 -1.47 1.83 -24.52
C LEU B 145 -1.62 2.87 -23.43
N GLY B 146 -2.85 3.07 -22.96
CA GLY B 146 -3.11 3.94 -21.82
C GLY B 146 -3.50 3.15 -20.59
N ILE B 147 -2.71 3.28 -19.52
CA ILE B 147 -2.96 2.60 -18.26
C ILE B 147 -3.68 3.57 -17.34
N VAL B 148 -4.83 3.16 -16.81
CA VAL B 148 -5.53 3.94 -15.80
C VAL B 148 -5.39 3.20 -14.48
N GLY B 149 -4.59 3.76 -13.58
CA GLY B 149 -4.25 3.10 -12.33
C GLY B 149 -2.93 2.36 -12.41
N LEU B 150 -1.85 2.99 -11.96
CA LEU B 150 -0.50 2.45 -12.10
C LEU B 150 -0.04 1.86 -10.77
N GLY B 151 -0.71 0.79 -10.35
CA GLY B 151 -0.34 0.04 -9.17
C GLY B 151 0.43 -1.21 -9.52
N ARG B 152 0.27 -2.24 -8.70
CA ARG B 152 0.98 -3.50 -8.95
C ARG B 152 0.71 -4.02 -10.37
N ILE B 153 -0.56 -4.17 -10.73
CA ILE B 153 -0.89 -4.78 -12.02
C ILE B 153 -0.65 -3.81 -13.17
N GLY B 154 -1.13 -2.57 -13.03
CA GLY B 154 -0.93 -1.59 -14.09
C GLY B 154 0.53 -1.40 -14.44
N THR B 155 1.40 -1.35 -13.43
CA THR B 155 2.82 -1.17 -13.69
C THR B 155 3.43 -2.37 -14.39
N LEU B 156 3.08 -3.59 -13.94
CA LEU B 156 3.53 -4.78 -14.63
C LEU B 156 3.01 -4.81 -16.07
N VAL B 157 1.75 -4.44 -16.28
CA VAL B 157 1.18 -4.43 -17.63
C VAL B 157 1.94 -3.45 -18.51
N ALA B 158 2.26 -2.26 -17.97
CA ALA B 158 3.06 -1.30 -18.72
C ALA B 158 4.43 -1.86 -19.06
N HIS B 159 5.04 -2.58 -18.13
CA HIS B 159 6.35 -3.18 -18.36
C HIS B 159 6.28 -4.21 -19.47
N LYS B 160 5.31 -5.12 -19.39
CA LYS B 160 5.24 -6.24 -20.34
C LYS B 160 4.97 -5.74 -21.75
N CYS B 161 3.99 -4.84 -21.91
CA CYS B 161 3.65 -4.36 -23.24
C CYS B 161 4.80 -3.60 -23.87
N ASN B 162 5.64 -2.96 -23.06
CA ASN B 162 6.87 -2.37 -23.56
C ASN B 162 7.80 -3.47 -24.09
N LEU B 163 8.19 -4.39 -23.22
CA LEU B 163 9.17 -5.40 -23.60
C LEU B 163 8.63 -6.32 -24.69
N ALA B 164 7.39 -6.78 -24.55
CA ALA B 164 6.88 -7.81 -25.43
C ALA B 164 6.50 -7.26 -26.80
N LEU B 165 5.96 -6.04 -26.87
CA LEU B 165 5.33 -5.54 -28.09
C LEU B 165 5.88 -4.22 -28.61
N GLY B 166 6.74 -3.53 -27.87
CA GLY B 166 7.23 -2.24 -28.34
C GLY B 166 6.16 -1.17 -28.41
N MET B 167 5.20 -1.19 -27.49
CA MET B 167 4.15 -0.18 -27.42
C MET B 167 4.61 1.01 -26.59
N ARG B 168 4.20 2.21 -26.98
CA ARG B 168 4.31 3.38 -26.12
C ARG B 168 3.22 3.30 -25.05
N VAL B 169 3.61 3.54 -23.80
CA VAL B 169 2.69 3.37 -22.67
C VAL B 169 2.52 4.70 -21.95
N LEU B 170 1.27 5.14 -21.83
CA LEU B 170 0.92 6.30 -21.02
C LEU B 170 0.11 5.82 -19.82
N ALA B 171 0.22 6.56 -18.71
CA ALA B 171 -0.48 6.19 -17.49
C ALA B 171 -1.14 7.40 -16.86
N TYR B 172 -2.31 7.15 -16.27
CA TYR B 172 -3.00 8.13 -15.44
C TYR B 172 -3.18 7.52 -14.05
N ASP B 173 -2.64 8.19 -13.05
CA ASP B 173 -2.72 7.78 -11.65
C ASP B 173 -2.27 8.93 -10.76
N PRO B 174 -3.21 9.64 -10.13
CA PRO B 174 -2.83 10.84 -9.37
C PRO B 174 -2.03 10.56 -8.11
N TYR B 175 -1.94 9.31 -7.65
CA TYR B 175 -1.40 9.03 -6.33
C TYR B 175 -0.04 8.33 -6.35
N VAL B 176 0.61 8.27 -7.51
CA VAL B 176 1.93 7.63 -7.61
C VAL B 176 2.91 8.63 -8.21
N PRO B 177 4.21 8.53 -7.92
CA PRO B 177 5.17 9.47 -8.50
C PRO B 177 5.48 9.16 -9.95
N ALA B 178 5.85 10.21 -10.68
CA ALA B 178 6.20 10.05 -12.09
C ALA B 178 7.32 9.04 -12.29
N SER B 179 8.25 8.94 -11.33
CA SER B 179 9.37 8.03 -11.47
C SER B 179 8.91 6.58 -11.59
N LYS B 180 7.76 6.24 -11.00
CA LYS B 180 7.28 4.86 -11.06
C LYS B 180 6.98 4.44 -12.49
N ALA B 181 6.53 5.38 -13.33
CA ALA B 181 6.25 5.05 -14.73
C ALA B 181 7.55 4.99 -15.54
N GLU B 182 8.47 5.93 -15.31
CA GLU B 182 9.70 5.96 -16.09
C GLU B 182 10.51 4.69 -15.92
N THR B 183 10.47 4.09 -14.73
CA THR B 183 11.24 2.88 -14.46
C THR B 183 10.84 1.72 -15.37
N VAL B 184 9.58 1.67 -15.80
CA VAL B 184 9.12 0.63 -16.71
C VAL B 184 8.95 1.17 -18.13
N GLY B 185 9.42 2.39 -18.41
CA GLY B 185 9.36 2.95 -19.74
C GLY B 185 8.10 3.72 -20.09
N ALA B 186 7.19 3.91 -19.14
CA ALA B 186 5.95 4.63 -19.40
C ALA B 186 6.08 6.11 -19.04
N THR B 187 5.05 6.88 -19.39
CA THR B 187 4.97 8.30 -19.08
C THR B 187 3.71 8.55 -18.27
N LEU B 188 3.87 9.12 -17.07
CA LEU B 188 2.73 9.45 -16.23
C LEU B 188 2.17 10.81 -16.63
N LEU B 189 0.90 10.85 -16.98
CA LEU B 189 0.24 12.07 -17.44
C LEU B 189 -0.69 12.61 -16.35
N LYS B 190 -0.65 13.93 -16.15
CA LYS B 190 -1.54 14.56 -15.18
C LYS B 190 -2.97 14.67 -15.66
N ASP B 191 -3.20 14.64 -16.97
CA ASP B 191 -4.51 14.92 -17.56
C ASP B 191 -5.04 13.64 -18.24
N LEU B 192 -6.03 13.02 -17.62
CA LEU B 192 -6.64 11.81 -18.18
C LEU B 192 -7.14 12.04 -19.60
N ASP B 193 -7.65 13.25 -19.89
CA ASP B 193 -8.13 13.56 -21.23
C ASP B 193 -7.06 13.35 -22.28
N VAL B 194 -5.82 13.73 -21.97
CA VAL B 194 -4.72 13.52 -22.91
C VAL B 194 -4.54 12.03 -23.19
N LEU B 195 -4.53 11.21 -22.14
CA LEU B 195 -4.40 9.76 -22.31
C LEU B 195 -5.52 9.23 -23.19
N LEU B 196 -6.75 9.72 -22.99
CA LEU B 196 -7.88 9.24 -23.77
C LEU B 196 -7.76 9.61 -25.24
N ALA B 197 -7.24 10.81 -25.54
CA ALA B 197 -7.11 11.25 -26.92
C ALA B 197 -5.97 10.56 -27.66
N GLU B 198 -4.95 10.07 -26.95
CA GLU B 198 -3.74 9.56 -27.56
C GLU B 198 -3.70 8.04 -27.64
N SER B 199 -4.56 7.33 -26.92
CA SER B 199 -4.44 5.90 -26.73
C SER B 199 -5.19 5.12 -27.78
N ASP B 200 -4.56 4.06 -28.27
CA ASP B 200 -5.22 3.08 -29.12
C ASP B 200 -5.79 1.93 -28.32
N PHE B 201 -5.24 1.69 -27.14
CA PHE B 201 -5.76 0.73 -26.17
C PHE B 201 -5.75 1.42 -24.81
N VAL B 202 -6.85 1.28 -24.06
CA VAL B 202 -6.97 1.84 -22.72
C VAL B 202 -7.31 0.70 -21.77
N SER B 203 -6.44 0.47 -20.79
CA SER B 203 -6.57 -0.67 -19.88
C SER B 203 -6.74 -0.17 -18.46
N LEU B 204 -7.73 -0.72 -17.75
CA LEU B 204 -8.12 -0.24 -16.43
C LEU B 204 -7.53 -1.13 -15.35
N HIS B 205 -6.84 -0.51 -14.39
CA HIS B 205 -6.24 -1.24 -13.28
C HIS B 205 -6.30 -0.44 -11.99
N THR B 206 -7.34 0.37 -11.80
CA THR B 206 -7.48 1.15 -10.57
C THR B 206 -8.20 0.34 -9.50
N GLU B 207 -7.96 0.74 -8.26
CA GLU B 207 -8.84 0.38 -7.15
C GLU B 207 -10.21 1.05 -7.36
N LEU B 208 -11.25 0.38 -6.89
CA LEU B 208 -12.60 0.91 -6.94
C LEU B 208 -12.82 1.83 -5.74
N THR B 209 -12.98 3.13 -6.00
CA THR B 209 -13.27 4.13 -4.98
C THR B 209 -14.45 4.97 -5.44
N SER B 210 -14.79 5.99 -4.63
CA SER B 210 -15.84 6.91 -5.04
C SER B 210 -15.42 7.76 -6.24
N GLU B 211 -14.11 7.91 -6.49
CA GLU B 211 -13.69 8.63 -7.68
C GLU B 211 -13.70 7.75 -8.92
N THR B 212 -13.35 6.47 -8.79
CA THR B 212 -13.32 5.59 -9.93
C THR B 212 -14.66 4.91 -10.19
N ARG B 213 -15.62 5.06 -9.29
CA ARG B 213 -16.97 4.56 -9.54
C ARG B 213 -17.54 5.22 -10.79
N GLU B 214 -17.80 4.41 -11.81
CA GLU B 214 -18.41 4.86 -13.07
C GLU B 214 -17.59 5.98 -13.72
N MET B 215 -16.27 5.92 -13.54
CA MET B 215 -15.38 6.85 -14.21
C MET B 215 -15.53 6.79 -15.73
N PHE B 216 -15.69 5.58 -16.27
CA PHE B 216 -15.75 5.38 -17.71
C PHE B 216 -17.22 5.31 -18.13
N ASN B 217 -17.77 6.47 -18.47
CA ASN B 217 -19.13 6.67 -18.93
C ASN B 217 -19.11 7.22 -20.35
N ILE B 218 -20.29 7.57 -20.87
CA ILE B 218 -20.40 7.99 -22.26
C ILE B 218 -19.55 9.24 -22.52
N SER B 219 -19.45 10.13 -21.53
CA SER B 219 -18.62 11.31 -21.67
C SER B 219 -17.18 10.95 -21.97
N VAL B 220 -16.67 9.91 -21.30
CA VAL B 220 -15.28 9.52 -21.48
C VAL B 220 -15.10 8.72 -22.77
N PHE B 221 -16.08 7.89 -23.14
CA PHE B 221 -15.96 7.17 -24.41
C PHE B 221 -15.99 8.11 -25.60
N LYS B 222 -16.74 9.22 -25.50
CA LYS B 222 -16.72 10.23 -26.55
C LYS B 222 -15.32 10.79 -26.76
N LYS B 223 -14.49 10.79 -25.72
CA LYS B 223 -13.14 11.32 -25.83
C LYS B 223 -12.14 10.32 -26.38
N MET B 224 -12.45 9.02 -26.34
CA MET B 224 -11.54 8.03 -26.90
C MET B 224 -11.62 8.03 -28.42
N LYS B 225 -10.63 7.39 -29.05
CA LYS B 225 -10.60 7.28 -30.50
C LYS B 225 -11.65 6.28 -30.97
N PRO B 226 -12.33 6.57 -32.09
CA PRO B 226 -13.20 5.54 -32.70
C PRO B 226 -12.50 4.22 -32.95
N THR B 227 -11.20 4.23 -33.25
CA THR B 227 -10.46 3.00 -33.51
C THR B 227 -10.02 2.27 -32.24
N ALA B 228 -10.17 2.88 -31.07
CA ALA B 228 -9.51 2.38 -29.87
C ALA B 228 -10.34 1.29 -29.18
N PHE B 229 -9.69 0.62 -28.23
CA PHE B 229 -10.29 -0.46 -27.48
C PHE B 229 -10.16 -0.19 -25.98
N LEU B 230 -11.16 -0.66 -25.24
CA LEU B 230 -11.14 -0.65 -23.78
C LEU B 230 -10.88 -2.06 -23.27
N ILE B 231 -10.08 -2.17 -22.22
CA ILE B 231 -9.87 -3.41 -21.49
C ILE B 231 -10.10 -3.13 -20.02
N ASN B 232 -10.95 -3.94 -19.39
CA ASN B 232 -11.19 -3.77 -17.95
C ASN B 232 -11.02 -5.11 -17.26
N THR B 233 -9.99 -5.19 -16.41
CA THR B 233 -9.77 -6.32 -15.53
C THR B 233 -9.79 -5.92 -14.06
N SER B 234 -10.18 -4.69 -13.74
CA SER B 234 -10.10 -4.21 -12.36
C SER B 234 -11.40 -4.48 -11.62
N ARG B 235 -12.39 -3.61 -11.78
CA ARG B 235 -13.68 -3.81 -11.16
C ARG B 235 -14.78 -3.38 -12.11
N GLY B 236 -15.93 -4.04 -12.02
CA GLY B 236 -17.01 -3.75 -12.94
C GLY B 236 -17.58 -2.36 -12.78
N LYS B 237 -17.67 -1.87 -11.54
CA LYS B 237 -18.31 -0.58 -11.28
C LYS B 237 -17.51 0.61 -11.79
N VAL B 238 -16.25 0.39 -12.23
CA VAL B 238 -15.48 1.47 -12.85
C VAL B 238 -16.06 1.86 -14.20
N VAL B 239 -16.84 0.97 -14.82
CA VAL B 239 -17.40 1.18 -16.15
C VAL B 239 -18.92 1.21 -16.06
N CYS B 240 -19.53 2.25 -16.60
CA CYS B 240 -20.98 2.24 -16.80
C CYS B 240 -21.28 1.28 -17.95
N GLU B 241 -21.78 0.09 -17.62
CA GLU B 241 -21.96 -0.94 -18.65
C GLU B 241 -23.00 -0.50 -19.68
N LYS B 242 -24.05 0.20 -19.24
CA LYS B 242 -25.05 0.68 -20.19
C LYS B 242 -24.43 1.70 -21.13
N ASP B 243 -23.55 2.57 -20.62
CA ASP B 243 -22.86 3.54 -21.48
C ASP B 243 -21.90 2.84 -22.44
N LEU B 244 -21.24 1.77 -21.99
CA LEU B 244 -20.36 1.03 -22.88
C LEU B 244 -21.14 0.43 -24.05
N GLY B 245 -22.37 -0.04 -23.79
CA GLY B 245 -23.19 -0.56 -24.87
C GLY B 245 -23.56 0.50 -25.88
N ILE B 246 -23.94 1.70 -25.40
CA ILE B 246 -24.22 2.81 -26.30
C ILE B 246 -22.96 3.16 -27.10
N ALA B 247 -21.82 3.25 -26.42
CA ALA B 247 -20.57 3.63 -27.09
C ALA B 247 -20.26 2.69 -28.25
N LEU B 248 -20.48 1.38 -28.07
CA LEU B 248 -20.20 0.44 -29.15
C LEU B 248 -21.20 0.58 -30.29
N ASN B 249 -22.48 0.74 -29.96
CA ASN B 249 -23.49 0.88 -31.01
C ASN B 249 -23.23 2.12 -31.85
N GLN B 250 -22.79 3.20 -31.22
CA GLN B 250 -22.57 4.47 -31.90
C GLN B 250 -21.15 4.62 -32.43
N LYS B 251 -20.34 3.57 -32.37
CA LYS B 251 -18.98 3.57 -32.93
C LYS B 251 -18.09 4.59 -32.24
N LEU B 252 -18.37 4.93 -30.99
CA LEU B 252 -17.47 5.80 -30.23
C LEU B 252 -16.12 5.13 -29.98
N ILE B 253 -16.11 3.80 -29.81
CA ILE B 253 -14.89 3.01 -29.75
C ILE B 253 -15.09 1.81 -30.66
N SER B 254 -14.01 1.05 -30.84
CA SER B 254 -14.05 -0.06 -31.79
C SER B 254 -14.36 -1.40 -31.14
N GLY B 255 -14.14 -1.55 -29.83
CA GLY B 255 -14.40 -2.82 -29.18
C GLY B 255 -13.95 -2.76 -27.73
N CYS B 256 -14.00 -3.93 -27.08
CA CYS B 256 -13.61 -3.99 -25.67
C CYS B 256 -13.41 -5.44 -25.25
N ALA B 257 -12.70 -5.60 -24.13
CA ALA B 257 -12.46 -6.89 -23.49
C ALA B 257 -12.65 -6.73 -22.00
N LEU B 258 -13.49 -7.59 -21.41
CA LEU B 258 -13.87 -7.43 -20.00
C LEU B 258 -13.72 -8.75 -19.26
N ASP B 259 -13.03 -8.68 -18.13
CA ASP B 259 -12.98 -9.77 -17.16
C ASP B 259 -13.84 -9.48 -15.94
N VAL B 260 -14.38 -8.27 -15.80
CA VAL B 260 -15.18 -7.87 -14.65
C VAL B 260 -16.44 -7.18 -15.14
N PHE B 261 -17.48 -7.23 -14.32
CA PHE B 261 -18.82 -6.82 -14.74
C PHE B 261 -19.56 -6.13 -13.61
N GLU B 262 -20.57 -5.34 -14.00
CA GLU B 262 -21.50 -4.73 -13.06
C GLU B 262 -22.91 -4.70 -13.63
N PRO B 263 -23.84 -5.46 -13.06
CA PRO B 263 -23.66 -6.35 -11.90
C PRO B 263 -22.81 -7.57 -12.21
N GLU B 264 -22.20 -8.18 -11.20
CA GLU B 264 -21.37 -9.36 -11.36
C GLU B 264 -21.90 -10.42 -10.41
N PRO B 265 -22.21 -11.63 -10.89
CA PRO B 265 -22.11 -12.11 -12.28
C PRO B 265 -23.10 -11.42 -13.22
N PRO B 266 -22.79 -11.33 -14.51
CA PRO B 266 -23.68 -10.61 -15.43
C PRO B 266 -24.91 -11.42 -15.78
N ALA B 267 -25.95 -10.69 -16.19
CA ALA B 267 -27.24 -11.30 -16.47
C ALA B 267 -27.15 -12.19 -17.71
N LEU B 268 -28.16 -13.06 -17.84
CA LEU B 268 -28.23 -13.98 -18.97
C LEU B 268 -28.48 -13.26 -20.30
N ASP B 269 -29.09 -12.07 -20.27
CA ASP B 269 -29.48 -11.35 -21.48
C ASP B 269 -28.73 -10.04 -21.61
N ASN B 270 -27.46 -10.01 -21.20
CA ASN B 270 -26.66 -8.79 -21.26
C ASN B 270 -26.45 -8.36 -22.71
N PRO B 271 -26.83 -7.14 -23.08
CA PRO B 271 -26.70 -6.72 -24.49
C PRO B 271 -25.28 -6.72 -25.01
N LEU B 272 -24.27 -6.65 -24.12
CA LEU B 272 -22.89 -6.70 -24.60
C LEU B 272 -22.57 -8.00 -25.32
N TYR B 273 -23.35 -9.06 -25.09
CA TYR B 273 -23.08 -10.35 -25.70
C TYR B 273 -23.28 -10.38 -27.21
N ASN B 274 -23.92 -9.36 -27.80
CA ASN B 274 -24.22 -9.36 -29.22
C ASN B 274 -23.40 -8.36 -30.02
N PHE B 275 -22.22 -7.99 -29.54
CA PHE B 275 -21.46 -6.91 -30.18
C PHE B 275 -20.23 -7.43 -30.90
N GLU B 276 -19.91 -6.73 -31.99
CA GLU B 276 -18.67 -6.95 -32.72
C GLU B 276 -17.50 -6.46 -31.89
N ASN B 277 -16.43 -7.26 -31.83
CA ASN B 277 -15.18 -6.90 -31.17
C ASN B 277 -15.35 -6.79 -29.65
N VAL B 278 -16.08 -7.73 -29.07
CA VAL B 278 -16.21 -7.84 -27.62
C VAL B 278 -15.68 -9.20 -27.18
N ILE B 279 -14.79 -9.19 -26.19
CA ILE B 279 -14.16 -10.40 -25.67
C ILE B 279 -14.35 -10.42 -24.16
N LEU B 280 -14.97 -11.49 -23.66
CA LEU B 280 -15.31 -11.57 -22.25
C LEU B 280 -14.71 -12.83 -21.62
N SER B 281 -14.41 -12.73 -20.32
CA SER B 281 -13.98 -13.86 -19.50
C SER B 281 -14.53 -13.64 -18.10
N PRO B 282 -14.82 -14.71 -17.37
CA PRO B 282 -15.62 -14.57 -16.14
C PRO B 282 -14.80 -14.40 -14.86
N HIS B 283 -14.14 -13.25 -14.74
CA HIS B 283 -13.31 -12.89 -13.60
C HIS B 283 -12.29 -13.98 -13.29
N LEU B 284 -11.50 -14.32 -14.30
CA LEU B 284 -10.47 -15.34 -14.18
C LEU B 284 -9.05 -14.81 -14.38
N ALA B 285 -8.88 -13.50 -14.58
CA ALA B 285 -7.56 -12.93 -14.86
C ALA B 285 -6.55 -13.29 -13.78
N GLY B 286 -6.97 -13.25 -12.52
CA GLY B 286 -6.11 -13.52 -11.40
C GLY B 286 -6.23 -14.93 -10.85
N VAL B 287 -6.86 -15.83 -11.58
CA VAL B 287 -7.11 -17.17 -11.08
C VAL B 287 -6.30 -18.17 -11.87
N THR B 288 -5.00 -18.21 -11.61
CA THR B 288 -4.13 -19.29 -12.03
C THR B 288 -3.82 -20.17 -10.82
N PRO B 289 -3.35 -21.40 -11.03
CA PRO B 289 -3.01 -22.23 -9.87
C PRO B 289 -2.02 -21.56 -8.94
N GLU B 290 -0.98 -20.92 -9.49
CA GLU B 290 -0.01 -20.23 -8.66
C GLU B 290 -0.67 -19.15 -7.82
N ALA B 291 -1.47 -18.29 -8.45
CA ALA B 291 -2.07 -17.17 -7.73
C ALA B 291 -3.10 -17.65 -6.73
N SER B 292 -3.89 -18.67 -7.10
CA SER B 292 -4.91 -19.19 -6.20
C SER B 292 -4.30 -19.78 -4.94
N LEU B 293 -3.18 -20.50 -5.09
CA LEU B 293 -2.52 -21.08 -3.93
C LEU B 293 -2.02 -19.97 -3.00
N ALA B 294 -1.36 -18.96 -3.57
CA ALA B 294 -0.78 -17.90 -2.74
C ALA B 294 -1.86 -17.12 -2.00
N ALA B 295 -2.97 -16.80 -2.69
CA ALA B 295 -4.02 -16.02 -2.04
C ALA B 295 -4.79 -16.86 -1.02
N ALA B 296 -4.92 -18.17 -1.25
CA ALA B 296 -5.59 -19.02 -0.27
C ALA B 296 -4.76 -19.13 1.01
N VAL B 297 -3.47 -19.44 0.86
CA VAL B 297 -2.58 -19.52 2.02
C VAL B 297 -2.58 -18.20 2.78
N SER B 298 -2.61 -17.08 2.06
CA SER B 298 -2.56 -15.77 2.69
C SER B 298 -3.82 -15.48 3.49
N ALA B 299 -4.98 -15.76 2.89
CA ALA B 299 -6.23 -15.52 3.60
C ALA B 299 -6.36 -16.41 4.83
N ALA B 300 -6.00 -17.69 4.69
CA ALA B 300 -6.13 -18.61 5.83
C ALA B 300 -5.20 -18.23 6.97
N ASN B 301 -3.96 -17.83 6.65
CA ASN B 301 -3.00 -17.54 7.71
C ASN B 301 -3.38 -16.25 8.44
N GLN B 302 -3.94 -15.28 7.72
CA GLN B 302 -4.37 -14.04 8.37
C GLN B 302 -5.56 -14.28 9.27
N ILE B 303 -6.53 -15.10 8.84
CA ILE B 303 -7.65 -15.44 9.70
C ILE B 303 -7.15 -16.07 11.00
N LEU B 304 -6.16 -16.96 10.89
CA LEU B 304 -5.61 -17.60 12.08
C LEU B 304 -4.90 -16.60 12.99
N GLN B 305 -4.21 -15.61 12.40
CA GLN B 305 -3.54 -14.58 13.20
C GLN B 305 -4.52 -13.84 14.08
N VAL B 306 -5.61 -13.34 13.49
CA VAL B 306 -6.56 -12.53 14.26
C VAL B 306 -7.25 -13.37 15.34
N LEU B 307 -7.50 -14.66 15.07
CA LEU B 307 -8.05 -15.52 16.12
C LEU B 307 -7.09 -15.64 17.30
N ARG B 308 -5.79 -15.52 17.05
CA ARG B 308 -4.77 -15.60 18.10
C ARG B 308 -4.50 -14.26 18.77
N GLY B 309 -5.09 -13.17 18.28
CA GLY B 309 -4.77 -11.85 18.79
C GLY B 309 -3.60 -11.16 18.12
N GLU B 310 -3.05 -11.73 17.05
CA GLU B 310 -1.88 -11.17 16.38
C GLU B 310 -2.28 -10.23 15.26
N LYS B 311 -1.51 -9.15 15.12
CA LYS B 311 -1.81 -8.16 14.11
C LYS B 311 -1.48 -8.70 12.73
N PRO B 312 -2.40 -8.68 11.78
CA PRO B 312 -2.15 -9.26 10.45
C PRO B 312 -1.49 -8.25 9.53
N PRO B 313 -0.86 -8.70 8.44
CA PRO B 313 -0.12 -7.78 7.57
C PRO B 313 -0.99 -6.93 6.64
N TYR B 314 -2.26 -7.27 6.45
CA TYR B 314 -3.07 -6.61 5.43
C TYR B 314 -4.37 -6.09 6.00
N MET B 315 -4.33 -5.53 7.21
CA MET B 315 -5.51 -4.87 7.76
C MET B 315 -5.90 -3.70 6.87
N ILE B 316 -7.17 -3.65 6.47
CA ILE B 316 -7.66 -2.48 5.75
C ILE B 316 -8.38 -1.49 6.66
N ASN B 317 -8.76 -1.88 7.88
CA ASN B 317 -9.36 -0.97 8.86
C ASN B 317 -8.54 -0.99 10.15
N PRO B 318 -7.30 -0.51 10.12
CA PRO B 318 -6.47 -0.54 11.34
C PRO B 318 -6.99 0.35 12.46
N GLU B 319 -7.85 1.32 12.17
CA GLU B 319 -8.46 2.11 13.24
C GLU B 319 -9.38 1.29 14.12
N ALA B 320 -9.83 0.14 13.64
CA ALA B 320 -10.72 -0.74 14.40
C ALA B 320 -9.96 -1.66 15.34
N TRP B 321 -8.62 -1.66 15.31
CA TRP B 321 -7.85 -2.62 16.08
C TRP B 321 -8.09 -2.48 17.58
N ASN B 322 -8.20 -1.24 18.08
CA ASN B 322 -8.35 -1.06 19.52
C ASN B 322 -9.70 -1.57 20.01
N LEU B 323 -10.75 -1.41 19.21
CA LEU B 323 -12.05 -1.95 19.62
C LEU B 323 -12.06 -3.47 19.53
N PHE B 324 -11.32 -4.03 18.58
CA PHE B 324 -11.08 -5.47 18.55
C PHE B 324 -10.42 -5.95 19.85
N HIS B 325 -9.40 -5.20 20.31
CA HIS B 325 -8.75 -5.50 21.59
C HIS B 325 -9.75 -5.53 22.73
N HIS B 326 -10.53 -4.47 22.83
CA HIS B 326 -11.64 -4.28 23.75
C HIS B 326 -12.51 -5.53 23.85
N HIS B 327 -12.80 -6.17 22.72
CA HIS B 327 -13.65 -7.35 22.69
C HIS B 327 -12.90 -8.67 22.85
N HIS B 328 -11.62 -8.71 22.48
CA HIS B 328 -10.81 -9.92 22.52
C HIS B 328 -9.95 -10.03 23.77
N HIS B 329 -9.59 -8.89 24.37
CA HIS B 329 -8.71 -8.83 25.56
C HIS B 329 -7.33 -9.42 25.29
PA NAD C . 3.57 6.22 4.67
O1A NAD C . 2.53 5.25 5.17
O2A NAD C . 4.19 5.75 3.38
O5B NAD C . 2.83 7.69 4.44
C5B NAD C . 3.57 8.72 3.80
C4B NAD C . 2.61 9.71 3.48
O4B NAD C . 3.28 11.03 3.14
C3B NAD C . 1.82 9.28 2.18
O3B NAD C . 0.36 9.29 2.47
C2B NAD C . 2.13 10.14 1.32
O2B NAD C . 1.02 10.46 0.36
C1B NAD C . 2.49 11.48 2.22
N9A NAD C . 3.09 12.50 1.41
C8A NAD C . 3.97 12.35 0.42
N7A NAD C . 4.28 13.55 -0.09
C5A NAD C . 3.57 14.49 0.59
C6A NAD C . 3.46 15.90 0.52
N6A NAD C . 4.22 16.66 -0.46
N1A NAD C . 2.65 16.54 1.37
C2A NAD C . 1.95 15.86 2.27
N3A NAD C . 2.02 14.53 2.36
C4A NAD C . 2.82 13.82 1.54
O3 NAD C . 4.77 6.41 5.78
PN NAD C . 4.55 6.07 7.41
O1N NAD C . 3.20 6.59 7.81
O2N NAD C . 4.63 4.60 7.65
O5D NAD C . 5.69 6.85 8.25
C5D NAD C . 5.61 8.30 8.35
C4D NAD C . 7.01 8.89 8.57
O4D NAD C . 7.50 8.49 9.68
C3D NAD C . 8.04 8.38 7.36
O3D NAD C . 8.88 9.54 6.92
C2D NAD C . 8.74 7.50 7.86
O2D NAD C . 10.09 7.37 7.17
C1D NAD C . 8.90 7.99 9.34
N1N NAD C . 9.34 7.00 10.13
C2N NAD C . 9.77 7.49 11.46
C3N NAD C . 10.54 6.39 12.18
C7N NAD C . 10.95 6.95 13.65
O7N NAD C . 11.46 6.18 14.49
N7N NAD C . 10.74 8.39 13.97
C4N NAD C . 9.77 5.15 12.31
C5N NAD C . 9.01 4.73 11.08
C6N NAD C . 8.41 5.88 10.25
PA NAD D . -3.18 -1.44 -6.45
O1A NAD D . -3.65 -0.94 -5.11
O2A NAD D . -1.74 -1.92 -6.35
O5B NAD D . -3.21 -0.22 -7.57
C5B NAD D . -4.40 0.54 -7.70
C4B NAD D . -4.03 1.76 -8.34
O4B NAD D . -5.27 2.55 -8.68
C3B NAD D . -3.23 2.69 -7.31
O3B NAD D . -1.93 3.09 -7.91
C2B NAD D . -3.97 3.67 -7.13
O2B NAD D . -3.22 4.95 -6.93
C1B NAD D . -4.84 3.77 -8.52
N9A NAD D . -5.88 4.73 -8.38
C8A NAD D . -6.60 4.98 -7.29
N7A NAD D . -7.46 5.98 -7.55
C5A NAD D . -7.28 6.36 -8.83
C6A NAD D . -7.88 7.34 -9.67
N6A NAD D . -8.92 8.18 -9.16
N1A NAD D . -7.45 7.48 -10.93
C2A NAD D . -6.47 6.69 -11.38
N3A NAD D . -5.89 5.76 -10.64
C4A NAD D . -6.27 5.56 -9.36
O3 NAD D . -4.22 -2.62 -6.94
PN NAD D . -3.86 -3.86 -8.01
O1N NAD D . -3.39 -5.00 -7.20
O2N NAD D . -2.83 -3.44 -9.02
O5D NAD D . -5.22 -4.30 -8.77
C5D NAD D . -6.01 -3.34 -9.51
C4D NAD D . -7.40 -3.91 -9.75
O4D NAD D . -7.36 -5.10 -10.24
C3D NAD D . -8.21 -3.98 -8.29
O3D NAD D . -9.57 -3.36 -8.47
C2D NAD D . -8.29 -5.18 -8.02
O2D NAD D . -9.51 -5.52 -7.17
C1D NAD D . -8.41 -5.86 -9.45
N1N NAD D . -8.20 -7.18 -9.39
C2N NAD D . -8.57 -7.86 -10.66
C3N NAD D . -8.64 -9.35 -10.41
C7N NAD D . -9.19 -10.16 -11.71
O7N NAD D . -9.70 -9.57 -12.68
N7N NAD D . -9.09 -11.63 -11.72
C4N NAD D . -7.38 -9.91 -9.94
C5N NAD D . -6.67 -9.07 -8.91
C6N NAD D . -6.87 -7.55 -8.97
P PO4 E . -9.78 -9.47 -6.76
O1 PO4 E . -9.21 -8.13 -6.34
O2 PO4 E . -10.82 -9.90 -5.73
O3 PO4 E . -8.68 -10.51 -6.84
O4 PO4 E . -10.46 -9.34 -8.09
#